data_2R2K
#
_entry.id   2R2K
#
_cell.length_a   89.272
_cell.length_b   102.560
_cell.length_c   163.693
_cell.angle_alpha   90.00
_cell.angle_beta   90.00
_cell.angle_gamma   90.00
#
_symmetry.space_group_name_H-M   'I 2 2 2'
#
loop_
_entity.id
_entity.type
_entity.pdbx_description
1 polymer 'Peptidoglycan recognition protein'
2 branched 2-acetamido-2-deoxy-beta-D-glucopyranose-(1-4)-2-acetamido-2-deoxy-beta-D-glucopyranose
3 non-polymer 'L(+)-TARTARIC ACID'
4 water water
#
_entity_poly.entity_id   1
_entity_poly.type   'polypeptide(L)'
_entity_poly.pdbx_seq_one_letter_code
;EDPPACGSIVPRREWRALASECRERLTRPVRYVVVSHTAGSHCDTPASCAQQAQNVQSYHVRNLGWCDVGYNFLIGEDGL
VYEGRGWNIKGAHAGPTWNPISIGISFMGNYMNRVPPPRALRAAQNLLACGVALGALRSNYEVKGHRDVQPTLSPGDRLY
EIIQTWSHYRA
;
_entity_poly.pdbx_strand_id   A,B,C,D
#
loop_
_chem_comp.id
_chem_comp.type
_chem_comp.name
_chem_comp.formula
NAG D-saccharide, beta linking 2-acetamido-2-deoxy-beta-D-glucopyranose 'C8 H15 N O6'
TLA non-polymer 'L(+)-TARTARIC ACID' 'C4 H6 O6'
#
# COMPACT_ATOMS: atom_id res chain seq x y z
N GLU A 1 -7.88 7.58 18.11
CA GLU A 1 -9.05 8.15 17.36
C GLU A 1 -9.45 7.40 16.09
N ASP A 2 -8.43 7.11 15.28
CA ASP A 2 -8.57 6.52 13.94
C ASP A 2 -8.46 5.04 13.56
N PRO A 3 -9.02 4.10 14.34
CA PRO A 3 -8.87 2.70 13.92
C PRO A 3 -10.09 2.16 13.12
N PRO A 4 -10.02 2.20 11.76
CA PRO A 4 -11.12 1.73 10.90
C PRO A 4 -11.61 0.30 11.17
N ALA A 5 -10.65 -0.60 11.33
CA ALA A 5 -10.89 -2.03 11.60
C ALA A 5 -9.51 -2.69 11.73
N CYS A 6 -9.37 -3.65 12.64
CA CYS A 6 -8.07 -4.28 12.85
C CYS A 6 -7.79 -5.72 12.39
N GLY A 7 -7.82 -6.62 13.36
CA GLY A 7 -7.55 -8.01 13.11
C GLY A 7 -7.51 -8.74 14.44
N SER A 8 -7.66 -10.07 14.40
CA SER A 8 -7.66 -10.87 15.61
C SER A 8 -6.29 -11.44 16.01
N ILE A 9 -5.78 -10.96 17.15
CA ILE A 9 -4.49 -11.40 17.68
C ILE A 9 -4.66 -12.11 19.02
N VAL A 10 -3.97 -13.24 19.19
CA VAL A 10 -4.00 -14.02 20.43
C VAL A 10 -3.18 -13.28 21.47
N PRO A 11 -3.83 -12.80 22.55
CA PRO A 11 -3.14 -12.07 23.62
C PRO A 11 -2.13 -12.92 24.36
N ARG A 12 -1.17 -12.27 25.02
CA ARG A 12 -0.11 -12.96 25.76
C ARG A 12 -0.67 -13.89 26.85
N ARG A 13 -1.67 -13.40 27.59
CA ARG A 13 -2.31 -14.15 28.65
C ARG A 13 -2.81 -15.51 28.16
N GLU A 14 -3.33 -15.55 26.94
CA GLU A 14 -3.88 -16.77 26.35
C GLU A 14 -2.83 -17.80 25.96
N TRP A 15 -1.67 -17.38 25.44
CA TRP A 15 -0.67 -18.38 25.13
C TRP A 15 0.28 -18.56 26.31
N ARG A 16 -0.15 -18.00 27.44
CA ARG A 16 0.55 -18.09 28.73
C ARG A 16 2.01 -17.61 28.75
N ALA A 17 2.20 -16.41 28.24
CA ALA A 17 3.51 -15.80 28.15
C ALA A 17 3.97 -15.25 29.48
N LEU A 18 5.28 -15.31 29.70
CA LEU A 18 5.88 -14.77 30.92
C LEU A 18 5.76 -13.24 30.82
N ALA A 19 5.88 -12.56 31.97
CA ALA A 19 5.80 -11.10 32.00
C ALA A 19 6.97 -10.47 31.24
N SER A 20 6.66 -9.51 30.37
CA SER A 20 7.68 -8.84 29.58
C SER A 20 8.44 -7.88 30.48
N GLU A 21 9.76 -7.86 30.34
CA GLU A 21 10.58 -6.97 31.15
C GLU A 21 11.14 -5.83 30.31
N CYS A 22 10.48 -5.52 29.19
CA CYS A 22 10.94 -4.47 28.30
C CYS A 22 10.28 -3.13 28.57
N ARG A 23 11.04 -2.05 28.36
CA ARG A 23 10.54 -0.69 28.54
C ARG A 23 10.78 0.25 27.35
N GLU A 24 11.73 -0.09 26.48
CA GLU A 24 12.02 0.75 25.32
C GLU A 24 10.88 0.78 24.30
N ARG A 25 10.40 1.97 23.97
CA ARG A 25 9.30 2.11 23.01
C ARG A 25 9.73 2.50 21.58
N LEU A 26 9.03 1.95 20.59
CA LEU A 26 9.32 2.24 19.18
C LEU A 26 8.63 3.55 18.83
N THR A 27 9.36 4.50 18.23
CA THR A 27 8.76 5.77 17.86
C THR A 27 7.69 5.47 16.81
N ARG A 28 6.52 6.06 17.00
CA ARG A 28 5.31 5.86 16.17
C ARG A 28 5.03 6.97 15.13
N PRO A 29 4.65 6.60 13.88
CA PRO A 29 4.48 5.28 13.26
C PRO A 29 5.79 4.61 12.91
N VAL A 30 5.72 3.40 12.38
CA VAL A 30 6.90 2.65 11.98
C VAL A 30 6.87 2.50 10.46
N ARG A 31 8.03 2.59 9.83
CA ARG A 31 8.15 2.52 8.38
C ARG A 31 8.53 1.16 7.81
N TYR A 32 9.28 0.39 8.60
CA TYR A 32 9.74 -0.90 8.15
C TYR A 32 9.22 -2.14 8.87
N VAL A 33 8.98 -3.19 8.10
CA VAL A 33 8.48 -4.44 8.64
C VAL A 33 9.39 -5.54 8.13
N VAL A 34 10.04 -6.23 9.06
CA VAL A 34 10.97 -7.30 8.71
C VAL A 34 10.35 -8.70 8.90
N VAL A 35 10.38 -9.50 7.84
CA VAL A 35 9.83 -10.85 7.89
C VAL A 35 10.98 -11.87 8.06
N SER A 36 10.80 -12.78 9.01
CA SER A 36 11.79 -13.80 9.34
C SER A 36 11.08 -15.08 9.76
N HIS A 37 11.85 -16.15 9.95
CA HIS A 37 11.26 -17.37 10.48
C HIS A 37 12.01 -17.74 11.75
N THR A 38 11.34 -18.51 12.61
CA THR A 38 11.95 -18.92 13.87
C THR A 38 12.89 -20.11 13.67
N ALA A 39 12.84 -20.70 12.48
CA ALA A 39 13.67 -21.85 12.12
C ALA A 39 13.52 -23.01 13.11
N GLY A 40 12.36 -23.10 13.75
CA GLY A 40 12.09 -24.16 14.69
C GLY A 40 10.97 -25.05 14.17
N SER A 41 10.23 -25.68 15.08
CA SER A 41 9.14 -26.58 14.69
C SER A 41 7.85 -25.85 14.35
N HIS A 42 7.13 -26.35 13.36
CA HIS A 42 5.85 -25.73 13.00
C HIS A 42 4.71 -26.37 13.80
N CYS A 43 3.51 -25.78 13.70
CA CYS A 43 2.31 -26.29 14.39
C CYS A 43 1.08 -25.87 13.60
N ASP A 44 0.01 -26.66 13.65
CA ASP A 44 -1.20 -26.27 12.96
C ASP A 44 -2.46 -26.29 13.82
N THR A 45 -2.31 -26.56 15.12
CA THR A 45 -3.46 -26.54 16.02
C THR A 45 -3.23 -25.31 16.89
N PRO A 46 -4.31 -24.61 17.26
CA PRO A 46 -4.20 -23.41 18.10
C PRO A 46 -3.57 -23.76 19.44
N ALA A 47 -3.70 -25.02 19.83
CA ALA A 47 -3.19 -25.52 21.09
C ALA A 47 -1.69 -25.68 21.05
N SER A 48 -1.21 -26.32 20.01
CA SER A 48 0.22 -26.57 19.86
C SER A 48 1.00 -25.31 19.52
N CYS A 49 0.37 -24.39 18.81
CA CYS A 49 1.00 -23.14 18.43
C CYS A 49 1.15 -22.21 19.64
N ALA A 50 0.20 -22.27 20.56
CA ALA A 50 0.28 -21.47 21.78
C ALA A 50 1.49 -22.02 22.56
N GLN A 51 1.75 -23.32 22.40
CA GLN A 51 2.87 -23.97 23.08
C GLN A 51 4.17 -23.57 22.38
N GLN A 52 4.17 -23.57 21.05
CA GLN A 52 5.36 -23.20 20.27
C GLN A 52 5.73 -21.74 20.54
N ALA A 53 4.72 -20.96 20.91
CA ALA A 53 4.94 -19.56 21.20
C ALA A 53 5.79 -19.51 22.47
N GLN A 54 5.42 -20.29 23.49
CA GLN A 54 6.14 -20.26 24.76
C GLN A 54 7.62 -20.65 24.63
N ASN A 55 7.87 -21.65 23.80
CA ASN A 55 9.22 -22.15 23.56
C ASN A 55 10.15 -21.08 23.01
N VAL A 56 9.73 -20.40 21.94
CA VAL A 56 10.55 -19.37 21.35
C VAL A 56 10.77 -18.27 22.38
N GLN A 57 9.71 -17.90 23.09
CA GLN A 57 9.81 -16.86 24.10
C GLN A 57 10.72 -17.27 25.28
N SER A 58 10.64 -18.51 25.73
CA SER A 58 11.46 -18.96 26.84
C SER A 58 12.94 -19.11 26.47
N TYR A 59 13.22 -19.48 25.23
CA TYR A 59 14.60 -19.61 24.79
C TYR A 59 15.22 -18.24 24.73
N HIS A 60 14.41 -17.22 24.43
CA HIS A 60 14.88 -15.85 24.34
C HIS A 60 15.05 -15.21 25.71
N VAL A 61 14.25 -15.62 26.67
CA VAL A 61 14.31 -15.06 28.01
C VAL A 61 15.27 -15.80 28.93
N ARG A 62 15.08 -17.11 29.09
CA ARG A 62 15.90 -17.91 29.98
C ARG A 62 17.29 -18.31 29.46
N ASN A 63 17.50 -18.28 28.16
CA ASN A 63 18.80 -18.67 27.61
C ASN A 63 19.60 -17.49 27.01
N LEU A 64 18.93 -16.55 26.36
CA LEU A 64 19.62 -15.39 25.79
C LEU A 64 19.45 -14.15 26.70
N GLY A 65 18.72 -14.31 27.80
CA GLY A 65 18.51 -13.22 28.72
C GLY A 65 17.86 -11.93 28.21
N TRP A 66 17.16 -11.99 27.09
CA TRP A 66 16.48 -10.80 26.54
C TRP A 66 15.23 -10.52 27.39
N CYS A 67 14.78 -9.26 27.39
CA CYS A 67 13.65 -8.81 28.19
C CYS A 67 12.31 -9.45 27.81
N ASP A 68 12.25 -10.04 26.62
CA ASP A 68 11.04 -10.70 26.12
C ASP A 68 11.37 -11.41 24.80
N VAL A 69 10.39 -12.09 24.22
CA VAL A 69 10.59 -12.77 22.95
C VAL A 69 11.08 -11.66 22.02
N GLY A 70 11.94 -12.01 21.07
CA GLY A 70 12.48 -11.00 20.19
C GLY A 70 11.58 -10.31 19.20
N TYR A 71 10.58 -11.03 18.71
CA TYR A 71 9.66 -10.50 17.71
C TYR A 71 8.44 -9.79 18.26
N ASN A 72 7.94 -8.82 17.51
CA ASN A 72 6.75 -8.07 17.91
C ASN A 72 5.51 -8.95 17.79
N PHE A 73 5.47 -9.80 16.76
CA PHE A 73 4.35 -10.72 16.55
C PHE A 73 4.84 -12.07 16.03
N LEU A 74 4.07 -13.13 16.34
CA LEU A 74 4.37 -14.48 15.89
C LEU A 74 3.22 -14.96 15.02
N ILE A 75 3.54 -15.69 13.96
CA ILE A 75 2.53 -16.18 13.02
C ILE A 75 2.48 -17.70 12.99
N GLY A 76 1.33 -18.26 13.32
CA GLY A 76 1.20 -19.71 13.31
C GLY A 76 0.55 -20.25 12.05
N GLU A 77 0.80 -21.52 11.74
CA GLU A 77 0.22 -22.15 10.57
C GLU A 77 -1.24 -22.52 10.86
N ASP A 78 -1.70 -22.17 12.06
CA ASP A 78 -3.07 -22.42 12.44
C ASP A 78 -3.85 -21.23 11.89
N GLY A 79 -3.11 -20.26 11.35
CA GLY A 79 -3.73 -19.07 10.77
C GLY A 79 -4.00 -17.97 11.77
N LEU A 80 -3.31 -18.01 12.92
CA LEU A 80 -3.48 -17.02 13.99
C LEU A 80 -2.21 -16.26 14.34
N VAL A 81 -2.36 -14.95 14.53
CA VAL A 81 -1.25 -14.07 14.91
C VAL A 81 -1.12 -14.11 16.41
N TYR A 82 0.08 -14.41 16.91
CA TYR A 82 0.32 -14.45 18.35
C TYR A 82 1.05 -13.19 18.75
N GLU A 83 0.64 -12.60 19.87
CA GLU A 83 1.24 -11.36 20.36
C GLU A 83 2.56 -11.56 21.09
N GLY A 84 3.56 -10.84 20.61
CA GLY A 84 4.89 -10.88 21.20
C GLY A 84 5.10 -9.56 21.92
N ARG A 85 5.99 -8.72 21.40
CA ARG A 85 6.23 -7.43 22.03
C ARG A 85 5.15 -6.43 21.67
N GLY A 86 4.47 -6.65 20.54
CA GLY A 86 3.39 -5.75 20.12
C GLY A 86 3.83 -4.57 19.28
N TRP A 87 2.90 -3.65 19.03
CA TRP A 87 3.14 -2.46 18.21
C TRP A 87 3.92 -1.33 18.87
N ASN A 88 4.05 -1.38 20.18
CA ASN A 88 4.68 -0.30 20.91
C ASN A 88 6.11 -0.42 21.41
N ILE A 89 6.58 -1.65 21.55
CA ILE A 89 7.91 -1.93 22.10
C ILE A 89 8.96 -2.38 21.08
N LYS A 90 10.19 -1.94 21.30
CA LYS A 90 11.33 -2.31 20.45
C LYS A 90 11.62 -3.78 20.75
N GLY A 91 12.01 -4.54 19.74
CA GLY A 91 12.29 -5.94 19.98
C GLY A 91 13.44 -6.51 19.18
N ALA A 92 14.50 -6.91 19.87
CA ALA A 92 15.69 -7.48 19.22
C ALA A 92 15.37 -8.55 18.18
N HIS A 93 15.62 -8.26 16.90
CA HIS A 93 15.34 -9.23 15.85
C HIS A 93 16.17 -9.15 14.57
N ALA A 94 16.72 -7.97 14.25
CA ALA A 94 17.50 -7.84 13.01
C ALA A 94 18.68 -6.87 13.02
N GLY A 95 19.38 -6.74 14.15
CA GLY A 95 20.50 -5.81 14.20
C GLY A 95 20.10 -4.47 14.78
N PRO A 96 21.02 -3.77 15.46
CA PRO A 96 20.76 -2.46 16.09
C PRO A 96 20.53 -1.30 15.13
N THR A 97 20.89 -1.46 13.87
CA THR A 97 20.67 -0.39 12.91
C THR A 97 19.23 -0.50 12.40
N TRP A 98 18.58 -1.64 12.66
CA TRP A 98 17.20 -1.88 12.21
C TRP A 98 16.12 -2.10 13.29
N ASN A 99 16.51 -2.60 14.46
CA ASN A 99 15.55 -2.83 15.54
C ASN A 99 14.76 -1.61 16.04
N PRO A 100 15.35 -0.39 15.99
CA PRO A 100 14.62 0.78 16.46
C PRO A 100 13.65 1.42 15.46
N ILE A 101 13.69 0.95 14.22
CA ILE A 101 12.86 1.52 13.17
C ILE A 101 11.95 0.54 12.45
N SER A 102 11.88 -0.70 12.93
CA SER A 102 11.08 -1.70 12.25
C SER A 102 10.26 -2.62 13.16
N ILE A 103 9.15 -3.12 12.61
CA ILE A 103 8.30 -4.05 13.34
C ILE A 103 8.81 -5.40 12.83
N GLY A 104 8.88 -6.38 13.72
CA GLY A 104 9.36 -7.69 13.33
C GLY A 104 8.37 -8.82 13.55
N ILE A 105 7.81 -9.36 12.46
CA ILE A 105 6.89 -10.45 12.59
C ILE A 105 7.65 -11.67 12.09
N SER A 106 7.42 -12.81 12.73
CA SER A 106 8.13 -14.03 12.38
C SER A 106 7.24 -15.28 12.28
N PHE A 107 7.28 -15.92 11.12
CA PHE A 107 6.50 -17.14 10.89
C PHE A 107 7.14 -18.24 11.75
N MET A 108 6.29 -18.98 12.45
CA MET A 108 6.76 -20.04 13.35
C MET A 108 7.12 -21.36 12.68
N GLY A 109 8.40 -21.50 12.35
CA GLY A 109 8.91 -22.70 11.71
C GLY A 109 10.01 -22.36 10.72
N ASN A 110 10.65 -23.38 10.15
CA ASN A 110 11.71 -23.15 9.17
C ASN A 110 11.17 -23.36 7.76
N TYR A 111 11.08 -22.26 7.01
CA TYR A 111 10.57 -22.32 5.66
C TYR A 111 11.63 -22.27 4.59
N MET A 112 12.70 -23.04 4.77
CA MET A 112 13.77 -23.10 3.78
C MET A 112 13.16 -23.80 2.55
N ASN A 113 12.50 -24.93 2.79
CA ASN A 113 11.82 -25.68 1.74
C ASN A 113 10.35 -25.27 1.95
N ARG A 114 9.56 -26.11 2.64
CA ARG A 114 8.15 -25.84 2.99
C ARG A 114 7.61 -24.39 2.88
N VAL A 115 6.41 -24.22 2.31
CA VAL A 115 5.82 -22.89 2.27
C VAL A 115 4.80 -22.79 3.39
N PRO A 116 4.48 -21.59 3.86
CA PRO A 116 3.49 -21.48 4.93
C PRO A 116 2.13 -21.61 4.23
N PRO A 117 1.14 -22.24 4.89
CA PRO A 117 -0.19 -22.40 4.28
C PRO A 117 -0.85 -21.05 4.09
N PRO A 118 -1.65 -20.91 3.02
CA PRO A 118 -2.36 -19.67 2.70
C PRO A 118 -2.87 -18.88 3.92
N ARG A 119 -3.47 -19.58 4.89
CA ARG A 119 -4.03 -18.91 6.05
C ARG A 119 -3.01 -18.17 6.92
N ALA A 120 -1.75 -18.61 6.86
CA ALA A 120 -0.69 -17.98 7.65
C ALA A 120 -0.28 -16.69 6.93
N LEU A 121 -0.26 -16.73 5.61
CA LEU A 121 0.11 -15.56 4.81
C LEU A 121 -1.02 -14.54 4.94
N ARG A 122 -2.25 -15.02 5.08
CA ARG A 122 -3.39 -14.13 5.23
C ARG A 122 -3.36 -13.46 6.61
N ALA A 123 -2.94 -14.22 7.61
CA ALA A 123 -2.87 -13.75 8.98
C ALA A 123 -1.93 -12.57 9.10
N ALA A 124 -0.79 -12.67 8.40
CA ALA A 124 0.25 -11.65 8.43
C ALA A 124 -0.09 -10.43 7.58
N GLN A 125 -0.72 -10.66 6.44
CA GLN A 125 -1.10 -9.55 5.56
C GLN A 125 -2.19 -8.72 6.22
N ASN A 126 -3.01 -9.38 7.02
CA ASN A 126 -4.10 -8.72 7.73
C ASN A 126 -3.53 -7.95 8.93
N LEU A 127 -2.52 -8.55 9.57
CA LEU A 127 -1.86 -7.94 10.73
C LEU A 127 -1.29 -6.61 10.31
N LEU A 128 -0.54 -6.62 9.21
CA LEU A 128 0.06 -5.40 8.70
C LEU A 128 -1.05 -4.42 8.34
N ALA A 129 -2.15 -4.94 7.82
CA ALA A 129 -3.27 -4.07 7.45
C ALA A 129 -3.87 -3.43 8.71
N CYS A 130 -3.83 -4.15 9.83
CA CYS A 130 -4.35 -3.60 11.07
C CYS A 130 -3.38 -2.54 11.54
N GLY A 131 -2.10 -2.81 11.34
CA GLY A 131 -1.07 -1.85 11.76
C GLY A 131 -1.29 -0.46 11.21
N VAL A 132 -1.71 -0.40 9.95
CA VAL A 132 -1.99 0.86 9.28
C VAL A 132 -3.26 1.47 9.87
N ALA A 133 -4.24 0.62 10.15
CA ALA A 133 -5.49 1.06 10.73
C ALA A 133 -5.26 1.71 12.10
N LEU A 134 -4.47 1.05 12.94
CA LEU A 134 -4.17 1.57 14.28
C LEU A 134 -3.24 2.78 14.23
N GLY A 135 -2.58 2.97 13.09
CA GLY A 135 -1.65 4.08 12.95
C GLY A 135 -0.27 3.72 13.48
N ALA A 136 -0.10 2.43 13.76
CA ALA A 136 1.16 1.91 14.26
C ALA A 136 2.16 1.82 13.10
N LEU A 137 1.65 1.47 11.92
CA LEU A 137 2.47 1.40 10.70
C LEU A 137 1.92 2.51 9.83
N ARG A 138 2.78 3.14 9.02
CA ARG A 138 2.29 4.17 8.11
C ARG A 138 1.89 3.49 6.80
N SER A 139 0.96 4.10 6.06
CA SER A 139 0.49 3.53 4.80
C SER A 139 1.61 3.31 3.79
N ASN A 140 2.76 3.90 4.07
CA ASN A 140 3.95 3.78 3.23
C ASN A 140 4.72 2.49 3.57
N TYR A 141 4.50 1.96 4.77
CA TYR A 141 5.25 0.79 5.24
C TYR A 141 5.90 -0.10 4.18
N GLU A 142 7.15 -0.44 4.45
CA GLU A 142 7.95 -1.25 3.55
C GLU A 142 8.28 -2.59 4.18
N VAL A 143 7.91 -3.67 3.50
CA VAL A 143 8.20 -5.01 3.99
C VAL A 143 9.56 -5.38 3.45
N LYS A 144 10.38 -5.95 4.33
CA LYS A 144 11.75 -6.31 3.98
C LYS A 144 12.05 -7.70 4.50
N GLY A 145 12.97 -8.40 3.86
CA GLY A 145 13.32 -9.72 4.35
C GLY A 145 14.34 -9.59 5.48
N HIS A 146 14.45 -10.61 6.32
CA HIS A 146 15.44 -10.53 7.40
C HIS A 146 16.80 -10.64 6.72
N ARG A 147 16.84 -11.33 5.57
CA ARG A 147 18.10 -11.52 4.85
C ARG A 147 18.54 -10.26 4.13
N ASP A 148 17.61 -9.32 3.96
CA ASP A 148 17.92 -8.06 3.29
C ASP A 148 18.58 -7.06 4.25
N VAL A 149 18.56 -7.34 5.55
CA VAL A 149 19.13 -6.41 6.53
C VAL A 149 20.27 -6.94 7.43
N GLN A 150 20.64 -8.19 7.24
CA GLN A 150 21.77 -8.82 7.93
C GLN A 150 21.98 -10.22 7.34
N PRO A 151 23.25 -10.65 7.17
CA PRO A 151 23.57 -11.96 6.59
C PRO A 151 22.95 -13.18 7.23
N THR A 152 21.84 -13.63 6.67
CA THR A 152 21.15 -14.82 7.16
C THR A 152 20.20 -15.39 6.12
N LEU A 153 19.79 -16.63 6.32
CA LEU A 153 18.86 -17.32 5.43
C LEU A 153 17.44 -17.00 5.90
N SER A 154 17.36 -16.52 7.14
CA SER A 154 16.13 -16.21 7.89
C SER A 154 14.70 -16.23 7.34
N PRO A 155 14.39 -15.46 6.30
CA PRO A 155 12.99 -15.55 5.84
C PRO A 155 12.65 -16.97 5.37
N GLY A 156 13.66 -17.66 4.85
CA GLY A 156 13.48 -19.00 4.32
C GLY A 156 13.36 -18.88 2.81
N ASP A 157 14.26 -19.55 2.08
CA ASP A 157 14.28 -19.48 0.61
C ASP A 157 12.93 -19.39 -0.07
N ARG A 158 11.97 -20.22 0.34
CA ARG A 158 10.66 -20.21 -0.30
C ARG A 158 9.67 -19.16 0.23
N LEU A 159 9.77 -18.82 1.51
CA LEU A 159 8.90 -17.80 2.10
C LEU A 159 9.43 -16.42 1.70
N TYR A 160 10.73 -16.34 1.47
CA TYR A 160 11.35 -15.08 1.03
C TYR A 160 10.84 -14.83 -0.39
N GLU A 161 10.78 -15.92 -1.17
CA GLU A 161 10.32 -15.89 -2.55
C GLU A 161 8.85 -15.43 -2.61
N ILE A 162 8.06 -15.78 -1.60
CA ILE A 162 6.65 -15.38 -1.54
C ILE A 162 6.45 -13.91 -1.18
N ILE A 163 7.11 -13.43 -0.11
CA ILE A 163 6.97 -12.05 0.33
C ILE A 163 7.48 -11.05 -0.67
N GLN A 164 8.21 -11.52 -1.68
CA GLN A 164 8.71 -10.62 -2.69
C GLN A 164 7.60 -10.16 -3.62
N THR A 165 6.51 -10.92 -3.67
CA THR A 165 5.36 -10.56 -4.51
C THR A 165 4.40 -9.61 -3.82
N TRP A 166 4.54 -9.46 -2.51
CA TRP A 166 3.68 -8.57 -1.72
C TRP A 166 3.77 -7.12 -2.21
N SER A 167 2.66 -6.42 -2.15
CA SER A 167 2.55 -5.04 -2.62
C SER A 167 3.57 -4.03 -2.07
N HIS A 168 3.98 -4.23 -0.82
CA HIS A 168 4.88 -3.30 -0.14
C HIS A 168 6.37 -3.66 -0.06
N TYR A 169 6.79 -4.75 -0.68
CA TYR A 169 8.20 -5.17 -0.61
C TYR A 169 9.14 -4.26 -1.40
N ARG A 170 9.92 -3.44 -0.69
CA ARG A 170 10.86 -2.52 -1.34
C ARG A 170 12.27 -3.08 -1.36
N ALA A 171 12.84 -3.10 -2.57
CA ALA A 171 14.19 -3.57 -2.89
C ALA A 171 15.06 -4.06 -1.73
N GLU B 1 -7.34 -11.53 -1.28
CA GLU B 1 -7.73 -10.10 -1.51
C GLU B 1 -9.27 -9.94 -1.55
N ASP B 2 -9.89 -9.79 -0.37
CA ASP B 2 -11.34 -9.57 -0.23
C ASP B 2 -11.43 -8.20 0.48
N PRO B 3 -11.03 -7.10 -0.22
CA PRO B 3 -10.94 -5.68 0.11
C PRO B 3 -10.59 -5.34 1.59
N PRO B 4 -9.59 -4.45 1.79
CA PRO B 4 -8.99 -3.91 3.02
C PRO B 4 -9.47 -4.30 4.43
N ALA B 5 -8.48 -4.64 5.26
CA ALA B 5 -8.66 -4.97 6.67
C ALA B 5 -9.72 -6.01 7.09
N CYS B 6 -9.88 -7.07 6.31
CA CYS B 6 -10.85 -8.10 6.64
C CYS B 6 -10.23 -9.28 7.36
N GLY B 7 -10.32 -9.21 8.69
CA GLY B 7 -9.76 -10.19 9.62
C GLY B 7 -9.61 -11.68 9.31
N SER B 8 -8.86 -11.99 8.25
CA SER B 8 -8.59 -13.37 7.85
C SER B 8 -9.80 -14.30 7.74
N ILE B 9 -10.41 -14.35 6.57
CA ILE B 9 -11.56 -15.23 6.35
C ILE B 9 -11.11 -16.34 5.40
N VAL B 10 -11.50 -17.58 5.71
CA VAL B 10 -11.16 -18.73 4.88
C VAL B 10 -12.10 -18.73 3.67
N PRO B 11 -11.53 -18.68 2.45
CA PRO B 11 -12.36 -18.67 1.23
C PRO B 11 -13.00 -20.03 0.94
N ARG B 12 -14.10 -20.00 0.20
CA ARG B 12 -14.83 -21.21 -0.17
C ARG B 12 -13.91 -22.21 -0.84
N ARG B 13 -13.10 -21.71 -1.77
CA ARG B 13 -12.16 -22.55 -2.48
C ARG B 13 -11.24 -23.33 -1.54
N GLU B 14 -10.96 -22.78 -0.36
CA GLU B 14 -10.07 -23.45 0.60
C GLU B 14 -10.79 -24.54 1.42
N TRP B 15 -12.03 -24.30 1.86
CA TRP B 15 -12.70 -25.34 2.63
C TRP B 15 -13.42 -26.35 1.72
N ARG B 16 -12.98 -26.37 0.47
CA ARG B 16 -13.48 -27.28 -0.54
C ARG B 16 -15.01 -27.27 -0.75
N ALA B 17 -15.57 -26.06 -0.77
CA ALA B 17 -17.01 -25.86 -0.93
C ALA B 17 -17.51 -26.20 -2.32
N LEU B 18 -18.82 -26.40 -2.44
CA LEU B 18 -19.44 -26.68 -3.73
C LEU B 18 -19.88 -25.34 -4.26
N ALA B 19 -20.12 -25.26 -5.57
CA ALA B 19 -20.53 -24.00 -6.17
C ALA B 19 -21.87 -23.51 -5.65
N SER B 20 -21.93 -22.26 -5.23
CA SER B 20 -23.17 -21.69 -4.75
C SER B 20 -24.01 -21.45 -5.98
N GLU B 21 -25.32 -21.44 -5.83
CA GLU B 21 -26.21 -21.18 -6.95
C GLU B 21 -27.30 -20.21 -6.54
N CYS B 22 -26.98 -19.37 -5.57
CA CYS B 22 -27.92 -18.38 -5.08
C CYS B 22 -27.81 -17.10 -5.88
N ARG B 23 -28.96 -16.59 -6.31
CA ARG B 23 -29.05 -15.44 -7.18
C ARG B 23 -29.46 -14.14 -6.48
N GLU B 24 -30.08 -14.28 -5.31
CA GLU B 24 -30.56 -13.11 -4.59
C GLU B 24 -29.49 -12.28 -3.93
N ARG B 25 -29.49 -10.99 -4.26
CA ARG B 25 -28.54 -10.03 -3.71
C ARG B 25 -29.09 -9.51 -2.36
N LEU B 26 -28.20 -8.97 -1.53
CA LEU B 26 -28.61 -8.45 -0.23
C LEU B 26 -28.50 -6.93 -0.29
N THR B 27 -29.57 -6.24 0.10
CA THR B 27 -29.62 -4.78 0.05
C THR B 27 -28.70 -4.06 1.06
N ARG B 28 -27.47 -3.78 0.62
CA ARG B 28 -26.48 -3.09 1.44
C ARG B 28 -26.81 -1.61 1.60
N PRO B 29 -26.48 -1.02 2.77
CA PRO B 29 -25.84 -1.64 3.94
C PRO B 29 -26.85 -2.35 4.84
N VAL B 30 -26.39 -3.44 5.45
CA VAL B 30 -27.20 -4.27 6.33
C VAL B 30 -27.19 -3.78 7.78
N ARG B 31 -28.37 -3.77 8.38
CA ARG B 31 -28.55 -3.27 9.74
C ARG B 31 -28.37 -4.29 10.86
N TYR B 32 -28.87 -5.50 10.63
CA TYR B 32 -28.84 -6.56 11.63
C TYR B 32 -27.83 -7.70 11.43
N VAL B 33 -27.41 -8.30 12.53
CA VAL B 33 -26.51 -9.44 12.53
C VAL B 33 -27.11 -10.47 13.46
N VAL B 34 -27.51 -11.60 12.90
CA VAL B 34 -28.12 -12.67 13.70
C VAL B 34 -27.13 -13.79 14.03
N VAL B 35 -26.84 -13.93 15.31
CA VAL B 35 -25.92 -14.94 15.79
C VAL B 35 -26.71 -16.23 16.07
N SER B 36 -26.23 -17.35 15.53
CA SER B 36 -26.87 -18.65 15.74
C SER B 36 -25.83 -19.75 15.98
N HIS B 37 -26.29 -21.00 16.06
CA HIS B 37 -25.37 -22.12 16.20
C HIS B 37 -25.86 -23.31 15.37
N THR B 38 -24.95 -24.00 14.72
CA THR B 38 -25.34 -25.11 13.86
C THR B 38 -25.96 -26.28 14.63
N ALA B 39 -25.69 -26.31 15.93
CA ALA B 39 -26.17 -27.38 16.82
C ALA B 39 -25.64 -28.72 16.34
N GLY B 40 -24.59 -28.65 15.52
CA GLY B 40 -24.00 -29.85 14.98
C GLY B 40 -22.74 -30.13 15.78
N SER B 41 -21.82 -30.90 15.20
CA SER B 41 -20.57 -31.23 15.87
C SER B 41 -19.58 -30.07 15.83
N HIS B 42 -18.76 -29.91 16.88
CA HIS B 42 -17.77 -28.83 16.91
C HIS B 42 -16.36 -29.29 16.54
N CYS B 43 -15.47 -28.33 16.29
CA CYS B 43 -14.08 -28.60 15.87
C CYS B 43 -13.10 -27.56 16.40
N ASP B 44 -11.88 -27.98 16.70
CA ASP B 44 -10.89 -27.06 17.22
C ASP B 44 -9.66 -26.82 16.34
N THR B 45 -9.49 -27.60 15.28
CA THR B 45 -8.37 -27.39 14.36
C THR B 45 -8.92 -26.95 13.00
N PRO B 46 -8.13 -26.22 12.20
CA PRO B 46 -8.61 -25.77 10.89
C PRO B 46 -8.90 -26.97 9.98
N ALA B 47 -8.13 -28.04 10.16
CA ALA B 47 -8.30 -29.24 9.38
C ALA B 47 -9.66 -29.86 9.65
N SER B 48 -10.04 -29.94 10.92
CA SER B 48 -11.32 -30.52 11.31
C SER B 48 -12.49 -29.60 11.01
N CYS B 49 -12.25 -28.29 11.09
CA CYS B 49 -13.29 -27.29 10.82
C CYS B 49 -13.56 -27.08 9.33
N ALA B 50 -12.65 -27.57 8.48
CA ALA B 50 -12.84 -27.46 7.04
C ALA B 50 -13.77 -28.60 6.70
N GLN B 51 -13.54 -29.75 7.34
CA GLN B 51 -14.39 -30.91 7.15
C GLN B 51 -15.78 -30.61 7.70
N GLN B 52 -15.83 -29.96 8.86
CA GLN B 52 -17.10 -29.64 9.51
C GLN B 52 -17.89 -28.60 8.75
N ALA B 53 -17.20 -27.70 8.06
CA ALA B 53 -17.87 -26.67 7.26
C ALA B 53 -18.62 -27.39 6.13
N GLN B 54 -17.88 -28.19 5.38
CA GLN B 54 -18.42 -28.97 4.27
C GLN B 54 -19.67 -29.71 4.70
N ASN B 55 -19.62 -30.28 5.90
CA ASN B 55 -20.74 -31.03 6.44
C ASN B 55 -22.02 -30.19 6.50
N VAL B 56 -21.89 -28.98 7.03
CA VAL B 56 -23.06 -28.10 7.11
C VAL B 56 -23.63 -27.76 5.73
N GLN B 57 -22.75 -27.47 4.77
CA GLN B 57 -23.18 -27.11 3.42
C GLN B 57 -23.77 -28.28 2.63
N SER B 58 -23.15 -29.45 2.70
CA SER B 58 -23.67 -30.59 1.96
C SER B 58 -25.06 -30.90 2.46
N TYR B 59 -25.27 -30.78 3.77
CA TYR B 59 -26.58 -31.05 4.34
C TYR B 59 -27.62 -30.04 3.84
N HIS B 60 -27.19 -28.80 3.64
CA HIS B 60 -28.09 -27.76 3.14
C HIS B 60 -28.34 -27.86 1.65
N VAL B 61 -27.32 -28.29 0.90
CA VAL B 61 -27.42 -28.41 -0.56
C VAL B 61 -27.95 -29.75 -1.09
N ARG B 62 -27.36 -30.86 -0.66
CA ARG B 62 -27.82 -32.17 -1.13
C ARG B 62 -29.16 -32.52 -0.49
N ASN B 63 -29.21 -32.56 0.84
CA ASN B 63 -30.43 -32.95 1.54
C ASN B 63 -31.59 -31.98 1.57
N LEU B 64 -31.35 -30.74 1.99
CA LEU B 64 -32.43 -29.77 2.08
C LEU B 64 -32.74 -29.06 0.77
N GLY B 65 -31.87 -29.23 -0.22
CA GLY B 65 -32.13 -28.63 -1.52
C GLY B 65 -32.12 -27.13 -1.63
N TRP B 66 -31.27 -26.47 -0.85
CA TRP B 66 -31.11 -25.02 -0.92
C TRP B 66 -29.91 -24.78 -1.84
N CYS B 67 -29.80 -23.57 -2.38
CA CYS B 67 -28.72 -23.21 -3.31
C CYS B 67 -27.29 -23.21 -2.74
N ASP B 68 -27.16 -23.03 -1.43
CA ASP B 68 -25.86 -22.97 -0.77
C ASP B 68 -26.06 -22.98 0.73
N VAL B 69 -24.97 -23.15 1.46
CA VAL B 69 -25.01 -23.14 2.91
C VAL B 69 -25.81 -21.91 3.33
N GLY B 70 -26.82 -22.13 4.17
CA GLY B 70 -27.69 -21.04 4.59
C GLY B 70 -27.10 -19.85 5.30
N TYR B 71 -25.92 -20.03 5.89
CA TYR B 71 -25.26 -18.95 6.63
C TYR B 71 -24.33 -18.07 5.78
N ASN B 72 -24.18 -16.83 6.19
CA ASN B 72 -23.28 -15.92 5.49
C ASN B 72 -21.86 -16.24 5.93
N PHE B 73 -21.67 -16.56 7.21
CA PHE B 73 -20.36 -16.94 7.72
C PHE B 73 -20.49 -17.95 8.84
N LEU B 74 -19.58 -18.92 8.86
CA LEU B 74 -19.53 -19.96 9.89
C LEU B 74 -18.26 -19.71 10.72
N ILE B 75 -18.35 -19.84 12.04
CA ILE B 75 -17.19 -19.63 12.91
C ILE B 75 -16.73 -20.96 13.50
N GLY B 76 -15.43 -21.19 13.51
CA GLY B 76 -14.90 -22.43 14.08
C GLY B 76 -14.25 -22.13 15.41
N GLU B 77 -14.13 -23.14 16.28
CA GLU B 77 -13.49 -22.93 17.56
C GLU B 77 -11.96 -22.96 17.36
N ASP B 78 -11.59 -23.11 16.09
CA ASP B 78 -10.19 -23.11 15.68
C ASP B 78 -9.80 -21.65 15.58
N GLY B 79 -10.76 -20.78 15.84
CA GLY B 79 -10.52 -19.35 15.80
C GLY B 79 -10.48 -18.73 14.42
N LEU B 80 -11.18 -19.35 13.46
CA LEU B 80 -11.20 -18.85 12.08
C LEU B 80 -12.61 -18.66 11.56
N VAL B 81 -12.81 -17.65 10.72
CA VAL B 81 -14.11 -17.40 10.13
C VAL B 81 -14.15 -18.05 8.74
N TYR B 82 -15.22 -18.80 8.47
CA TYR B 82 -15.37 -19.50 7.21
C TYR B 82 -16.41 -18.80 6.34
N GLU B 83 -16.08 -18.64 5.07
CA GLU B 83 -16.97 -17.95 4.15
C GLU B 83 -18.05 -18.87 3.55
N GLY B 84 -19.30 -18.43 3.72
CA GLY B 84 -20.42 -19.17 3.17
C GLY B 84 -21.00 -18.32 2.06
N ARG B 85 -22.15 -17.70 2.31
CA ARG B 85 -22.79 -16.86 1.31
C ARG B 85 -22.16 -15.48 1.27
N GLY B 86 -21.36 -15.14 2.27
CA GLY B 86 -20.67 -13.87 2.29
C GLY B 86 -21.49 -12.61 2.56
N TRP B 87 -20.93 -11.46 2.21
CA TRP B 87 -21.58 -10.17 2.45
C TRP B 87 -22.64 -9.76 1.43
N ASN B 88 -22.72 -10.47 0.31
CA ASN B 88 -23.65 -10.07 -0.74
C ASN B 88 -24.79 -10.98 -1.12
N ILE B 89 -24.61 -12.29 -1.01
CA ILE B 89 -25.69 -13.24 -1.31
C ILE B 89 -26.54 -13.33 -0.04
N LYS B 90 -27.83 -13.01 -0.17
CA LYS B 90 -28.77 -13.06 0.95
C LYS B 90 -28.81 -14.44 1.60
N GLY B 91 -28.74 -14.47 2.93
CA GLY B 91 -28.74 -15.75 3.63
C GLY B 91 -30.07 -16.45 3.89
N ALA B 92 -29.99 -17.69 4.34
CA ALA B 92 -31.17 -18.50 4.68
C ALA B 92 -30.89 -18.99 6.10
N HIS B 93 -31.13 -18.11 7.07
CA HIS B 93 -30.85 -18.40 8.47
C HIS B 93 -31.94 -18.08 9.50
N ALA B 94 -32.80 -17.11 9.23
CA ALA B 94 -33.81 -16.74 10.21
C ALA B 94 -35.24 -16.51 9.72
N GLY B 95 -35.64 -17.13 8.62
CA GLY B 95 -37.00 -16.90 8.15
C GLY B 95 -37.13 -15.71 7.21
N PRO B 96 -38.30 -15.56 6.57
CA PRO B 96 -38.61 -14.48 5.61
C PRO B 96 -38.61 -13.04 6.13
N THR B 97 -38.90 -12.87 7.41
CA THR B 97 -38.92 -11.55 8.02
C THR B 97 -37.53 -10.95 8.15
N TRP B 98 -36.55 -11.80 8.46
CA TRP B 98 -35.19 -11.35 8.69
C TRP B 98 -34.08 -11.67 7.67
N ASN B 99 -34.29 -12.70 6.87
CA ASN B 99 -33.28 -13.11 5.89
C ASN B 99 -32.81 -12.05 4.89
N PRO B 100 -33.73 -11.22 4.37
CA PRO B 100 -33.29 -10.21 3.40
C PRO B 100 -32.75 -8.91 4.01
N ILE B 101 -32.81 -8.80 5.34
CA ILE B 101 -32.36 -7.58 5.99
C ILE B 101 -31.15 -7.73 6.93
N SER B 102 -30.82 -8.96 7.31
CA SER B 102 -29.69 -9.18 8.22
C SER B 102 -28.64 -10.17 7.71
N ILE B 103 -27.43 -10.07 8.25
CA ILE B 103 -26.35 -10.98 7.89
C ILE B 103 -26.39 -12.10 8.94
N GLY B 104 -26.12 -13.32 8.52
CA GLY B 104 -26.20 -14.43 9.46
C GLY B 104 -24.91 -15.16 9.72
N ILE B 105 -24.41 -15.02 10.94
CA ILE B 105 -23.19 -15.69 11.31
C ILE B 105 -23.53 -16.78 12.34
N SER B 106 -23.01 -17.98 12.09
CA SER B 106 -23.27 -19.13 12.95
C SER B 106 -22.00 -19.73 13.52
N PHE B 107 -22.11 -20.19 14.77
CA PHE B 107 -21.00 -20.81 15.47
C PHE B 107 -21.12 -22.32 15.31
N MET B 108 -20.06 -22.97 14.84
CA MET B 108 -20.07 -24.41 14.64
C MET B 108 -19.95 -25.24 15.92
N GLY B 109 -21.10 -25.62 16.45
CA GLY B 109 -21.18 -26.42 17.66
C GLY B 109 -22.55 -26.29 18.30
N ASN B 110 -22.74 -26.93 19.46
CA ASN B 110 -24.01 -26.85 20.19
C ASN B 110 -23.64 -26.21 21.53
N TYR B 111 -24.04 -24.95 21.71
CA TYR B 111 -23.66 -24.21 22.90
C TYR B 111 -24.63 -24.01 24.07
N MET B 112 -25.37 -25.07 24.39
CA MET B 112 -26.31 -25.06 25.49
C MET B 112 -25.52 -25.23 26.80
N ASN B 113 -24.76 -26.32 26.89
CA ASN B 113 -23.98 -26.58 28.10
C ASN B 113 -22.49 -26.48 27.82
N ARG B 114 -22.12 -25.78 26.75
CA ARG B 114 -20.73 -25.62 26.37
C ARG B 114 -20.44 -24.21 25.84
N VAL B 115 -19.36 -23.60 26.31
CA VAL B 115 -19.00 -22.25 25.90
C VAL B 115 -17.99 -22.25 24.75
N PRO B 116 -18.04 -21.23 23.89
CA PRO B 116 -17.07 -21.16 22.78
C PRO B 116 -15.81 -20.49 23.34
N PRO B 117 -14.63 -20.84 22.81
CA PRO B 117 -13.35 -20.28 23.25
C PRO B 117 -13.29 -18.79 22.89
N PRO B 118 -12.40 -18.04 23.56
CA PRO B 118 -12.25 -16.60 23.30
C PRO B 118 -11.85 -16.32 21.86
N ARG B 119 -11.00 -17.17 21.29
CA ARG B 119 -10.55 -16.97 19.91
C ARG B 119 -11.68 -16.97 18.90
N ALA B 120 -12.71 -17.76 19.16
CA ALA B 120 -13.85 -17.83 18.26
C ALA B 120 -14.68 -16.58 18.46
N LEU B 121 -14.86 -16.17 19.71
CA LEU B 121 -15.64 -14.97 20.01
C LEU B 121 -14.90 -13.75 19.46
N ARG B 122 -13.58 -13.82 19.50
CA ARG B 122 -12.73 -12.75 19.01
C ARG B 122 -12.88 -12.64 17.50
N ALA B 123 -12.79 -13.78 16.82
CA ALA B 123 -12.91 -13.84 15.37
C ALA B 123 -14.25 -13.29 14.85
N ALA B 124 -15.33 -13.55 15.57
CA ALA B 124 -16.67 -13.10 15.19
C ALA B 124 -16.75 -11.58 15.26
N GLN B 125 -16.29 -11.00 16.36
CA GLN B 125 -16.31 -9.55 16.53
C GLN B 125 -15.40 -8.91 15.47
N ASN B 126 -14.27 -9.56 15.21
CA ASN B 126 -13.32 -9.10 14.20
C ASN B 126 -13.93 -9.18 12.80
N LEU B 127 -14.83 -10.13 12.59
CA LEU B 127 -15.49 -10.27 11.28
C LEU B 127 -16.43 -9.08 11.07
N LEU B 128 -17.12 -8.67 12.12
CA LEU B 128 -18.06 -7.54 12.06
C LEU B 128 -17.35 -6.20 11.89
N ALA B 129 -16.07 -6.16 12.23
CA ALA B 129 -15.29 -4.95 12.08
C ALA B 129 -15.00 -4.77 10.59
N CYS B 130 -14.66 -5.87 9.93
CA CYS B 130 -14.37 -5.84 8.49
C CYS B 130 -15.64 -5.54 7.73
N GLY B 131 -16.77 -5.92 8.32
CA GLY B 131 -18.05 -5.67 7.69
C GLY B 131 -18.24 -4.18 7.44
N VAL B 132 -18.11 -3.39 8.51
CA VAL B 132 -18.23 -1.94 8.45
C VAL B 132 -17.19 -1.41 7.45
N ALA B 133 -15.97 -1.91 7.57
CA ALA B 133 -14.88 -1.51 6.69
C ALA B 133 -15.28 -1.63 5.22
N LEU B 134 -15.80 -2.78 4.84
CA LEU B 134 -16.21 -3.01 3.45
C LEU B 134 -17.42 -2.15 3.02
N GLY B 135 -18.30 -1.86 3.97
CA GLY B 135 -19.48 -1.09 3.64
C GLY B 135 -20.69 -2.00 3.50
N ALA B 136 -20.58 -3.22 4.04
CA ALA B 136 -21.65 -4.20 4.01
C ALA B 136 -22.54 -3.99 5.24
N LEU B 137 -21.91 -3.82 6.39
CA LEU B 137 -22.62 -3.57 7.65
C LEU B 137 -22.55 -2.09 7.99
N ARG B 138 -23.62 -1.57 8.60
CA ARG B 138 -23.67 -0.17 9.01
C ARG B 138 -22.86 0.03 10.29
N SER B 139 -22.07 1.11 10.34
CA SER B 139 -21.26 1.44 11.51
C SER B 139 -22.12 1.24 12.75
N ASN B 140 -23.39 1.57 12.59
CA ASN B 140 -24.37 1.37 13.64
C ASN B 140 -25.13 0.08 13.27
N TYR B 141 -24.52 -1.07 13.57
CA TYR B 141 -25.16 -2.36 13.29
C TYR B 141 -25.72 -2.97 14.57
N GLU B 142 -26.88 -3.61 14.46
CA GLU B 142 -27.53 -4.22 15.61
C GLU B 142 -27.46 -5.76 15.63
N VAL B 143 -26.89 -6.31 16.69
CA VAL B 143 -26.74 -7.75 16.82
C VAL B 143 -27.89 -8.38 17.62
N LYS B 144 -28.60 -9.31 16.99
CA LYS B 144 -29.74 -9.98 17.62
C LYS B 144 -29.49 -11.47 17.79
N GLY B 145 -29.97 -12.04 18.88
CA GLY B 145 -29.80 -13.46 19.09
C GLY B 145 -30.79 -14.17 18.17
N HIS B 146 -30.57 -15.46 17.90
CA HIS B 146 -31.47 -16.20 17.02
C HIS B 146 -32.82 -16.41 17.71
N ARG B 147 -32.80 -16.51 19.04
CA ARG B 147 -34.01 -16.67 19.82
C ARG B 147 -34.83 -15.40 19.62
N ASP B 148 -34.14 -14.27 19.64
CA ASP B 148 -34.78 -12.98 19.48
C ASP B 148 -35.59 -12.84 18.19
N VAL B 149 -35.23 -13.59 17.15
CA VAL B 149 -35.95 -13.48 15.89
C VAL B 149 -36.86 -14.66 15.53
N GLN B 150 -36.55 -15.84 16.06
CA GLN B 150 -37.34 -17.04 15.78
C GLN B 150 -37.53 -17.91 17.01
N PRO B 151 -38.63 -18.68 17.05
CA PRO B 151 -38.88 -19.55 18.20
C PRO B 151 -37.91 -20.72 18.17
N THR B 152 -36.67 -20.45 18.58
CA THR B 152 -35.61 -21.45 18.57
C THR B 152 -34.70 -21.45 19.81
N LEU B 153 -34.09 -22.59 20.09
CA LEU B 153 -33.20 -22.74 21.23
C LEU B 153 -31.83 -22.12 20.92
N SER B 154 -31.47 -22.12 19.63
CA SER B 154 -30.22 -21.55 19.14
C SER B 154 -30.12 -20.09 19.57
N PRO B 155 -28.90 -19.57 19.81
CA PRO B 155 -27.57 -20.16 19.69
C PRO B 155 -27.12 -21.06 20.87
N GLY B 156 -27.96 -21.19 21.89
CA GLY B 156 -27.59 -22.02 23.03
C GLY B 156 -27.39 -21.15 24.26
N ASP B 157 -27.96 -21.57 25.38
CA ASP B 157 -27.88 -20.81 26.63
C ASP B 157 -26.55 -20.08 26.82
N ARG B 158 -25.46 -20.85 26.88
CA ARG B 158 -24.12 -20.32 27.12
C ARG B 158 -23.60 -19.27 26.14
N LEU B 159 -23.96 -19.40 24.87
CA LEU B 159 -23.50 -18.44 23.87
C LEU B 159 -24.43 -17.23 23.81
N TYR B 160 -25.72 -17.46 24.10
CA TYR B 160 -26.72 -16.39 24.10
C TYR B 160 -26.47 -15.52 25.34
N GLU B 161 -25.78 -16.12 26.30
CA GLU B 161 -25.41 -15.49 27.57
C GLU B 161 -24.33 -14.43 27.30
N ILE B 162 -23.39 -14.77 26.43
CA ILE B 162 -22.27 -13.91 26.07
C ILE B 162 -22.53 -12.85 25.01
N ILE B 163 -23.43 -13.11 24.06
CA ILE B 163 -23.70 -12.11 23.03
C ILE B 163 -24.49 -10.94 23.58
N GLN B 164 -25.01 -11.09 24.80
CA GLN B 164 -25.73 -10.02 25.47
C GLN B 164 -24.68 -9.04 26.00
N THR B 165 -23.46 -9.55 26.22
CA THR B 165 -22.33 -8.74 26.68
C THR B 165 -21.93 -7.79 25.55
N TRP B 166 -22.05 -8.27 24.31
CA TRP B 166 -21.69 -7.50 23.13
C TRP B 166 -22.39 -6.14 23.10
N SER B 167 -21.60 -5.10 22.90
CA SER B 167 -22.08 -3.72 22.89
C SER B 167 -23.20 -3.42 21.92
N HIS B 168 -23.10 -4.00 20.72
CA HIS B 168 -24.11 -3.75 19.72
C HIS B 168 -25.41 -4.53 19.88
N TYR B 169 -25.48 -5.41 20.86
CA TYR B 169 -26.69 -6.22 21.09
C TYR B 169 -27.90 -5.38 21.46
N ARG B 170 -28.95 -5.47 20.65
CA ARG B 170 -30.17 -4.72 20.88
C ARG B 170 -31.32 -5.57 21.39
N ALA B 171 -32.11 -4.97 22.26
CA ALA B 171 -33.28 -5.63 22.83
C ALA B 171 -34.43 -5.39 21.86
N GLU C 1 45.11 10.57 2.79
CA GLU C 1 45.70 10.06 1.51
C GLU C 1 45.28 10.95 0.33
N ASP C 2 46.18 11.84 -0.06
CA ASP C 2 45.97 12.83 -1.14
C ASP C 2 44.64 13.56 -0.90
N PRO C 3 44.44 14.10 0.33
CA PRO C 3 43.22 14.82 0.73
C PRO C 3 42.34 15.29 -0.45
N PRO C 4 41.28 14.52 -0.77
CA PRO C 4 40.28 14.73 -1.82
C PRO C 4 40.03 16.20 -2.15
N ALA C 5 40.20 17.06 -1.17
CA ALA C 5 40.15 18.51 -1.40
C ALA C 5 38.90 19.15 -2.02
N CYS C 6 37.75 18.55 -1.85
CA CYS C 6 36.56 19.10 -2.50
C CYS C 6 35.35 19.44 -1.63
N GLY C 7 35.45 19.09 -0.35
CA GLY C 7 34.38 19.36 0.59
C GLY C 7 34.10 20.83 0.92
N SER C 8 33.05 21.36 0.31
CA SER C 8 32.61 22.73 0.50
C SER C 8 31.09 22.61 0.51
N ILE C 9 30.61 21.55 1.16
CA ILE C 9 29.19 21.25 1.23
C ILE C 9 28.68 21.63 2.62
N VAL C 10 27.42 22.10 2.67
CA VAL C 10 26.78 22.45 3.95
C VAL C 10 26.23 21.11 4.45
N PRO C 11 26.66 20.67 5.64
CA PRO C 11 26.20 19.39 6.20
C PRO C 11 24.73 19.44 6.62
N ARG C 12 24.09 18.28 6.69
CA ARG C 12 22.70 18.20 7.11
C ARG C 12 22.53 18.98 8.42
N ARG C 13 23.40 18.70 9.37
CA ARG C 13 23.39 19.35 10.68
C ARG C 13 23.31 20.88 10.54
N GLU C 14 24.19 21.45 9.74
CA GLU C 14 24.25 22.89 9.55
C GLU C 14 22.98 23.56 8.96
N TRP C 15 22.26 22.89 8.06
CA TRP C 15 21.05 23.54 7.56
C TRP C 15 19.82 23.01 8.28
N ARG C 16 20.07 22.22 9.33
CA ARG C 16 19.03 21.66 10.21
C ARG C 16 18.04 20.67 9.61
N ALA C 17 18.57 19.68 8.90
CA ALA C 17 17.76 18.66 8.26
C ALA C 17 17.09 17.82 9.34
N LEU C 18 15.90 17.30 9.05
CA LEU C 18 15.23 16.45 10.00
C LEU C 18 15.99 15.14 9.82
N ALA C 19 15.94 14.26 10.81
CA ALA C 19 16.62 12.97 10.72
C ALA C 19 16.11 12.16 9.57
N SER C 20 17.00 11.46 8.89
CA SER C 20 16.63 10.62 7.76
C SER C 20 16.29 9.22 8.24
N GLU C 21 15.27 8.62 7.64
CA GLU C 21 14.86 7.27 8.00
C GLU C 21 15.23 6.35 6.86
N CYS C 22 15.94 6.88 5.87
CA CYS C 22 16.36 6.09 4.72
C CYS C 22 17.54 5.21 5.11
N ARG C 23 17.60 4.00 4.55
CA ARG C 23 18.66 3.07 4.90
C ARG C 23 19.18 2.26 3.71
N GLU C 24 18.58 2.46 2.53
CA GLU C 24 19.02 1.73 1.34
C GLU C 24 20.19 2.50 0.72
N ARG C 25 21.28 1.79 0.49
CA ARG C 25 22.50 2.38 -0.03
C ARG C 25 22.78 2.21 -1.52
N LEU C 26 23.58 3.12 -2.04
CA LEU C 26 24.01 3.11 -3.43
C LEU C 26 25.28 2.30 -3.45
N THR C 27 25.63 1.83 -4.63
CA THR C 27 26.88 1.09 -4.79
C THR C 27 27.82 2.08 -5.48
N ARG C 28 28.98 2.33 -4.88
CA ARG C 28 29.97 3.20 -5.51
C ARG C 28 31.06 2.31 -6.11
N PRO C 29 31.64 2.71 -7.24
CA PRO C 29 31.39 3.94 -8.01
C PRO C 29 30.00 4.01 -8.63
N VAL C 30 29.43 5.21 -8.68
CA VAL C 30 28.11 5.45 -9.26
C VAL C 30 28.35 5.98 -10.67
N ARG C 31 27.58 5.49 -11.64
CA ARG C 31 27.77 5.90 -13.03
C ARG C 31 27.06 7.15 -13.50
N TYR C 32 25.79 7.31 -13.16
CA TYR C 32 25.05 8.46 -13.65
C TYR C 32 24.74 9.58 -12.65
N VAL C 33 24.52 10.78 -13.19
CA VAL C 33 24.16 11.96 -12.40
C VAL C 33 22.97 12.60 -13.12
N VAL C 34 21.85 12.72 -12.41
CA VAL C 34 20.65 13.31 -12.98
C VAL C 34 20.39 14.69 -12.37
N VAL C 35 20.41 15.71 -13.24
CA VAL C 35 20.21 17.10 -12.84
C VAL C 35 18.75 17.49 -12.99
N SER C 36 18.17 17.92 -11.87
CA SER C 36 16.77 18.35 -11.81
C SER C 36 16.73 19.70 -11.10
N HIS C 37 15.52 20.27 -10.97
CA HIS C 37 15.35 21.54 -10.27
C HIS C 37 14.16 21.37 -9.36
N THR C 38 14.04 22.19 -8.32
CA THR C 38 12.90 22.08 -7.40
C THR C 38 11.61 22.68 -7.96
N ALA C 39 11.77 23.60 -8.91
CA ALA C 39 10.64 24.29 -9.53
C ALA C 39 9.93 25.11 -8.48
N GLY C 40 10.60 25.28 -7.34
CA GLY C 40 10.07 26.07 -6.24
C GLY C 40 10.74 27.42 -6.33
N SER C 41 10.76 28.18 -5.22
CA SER C 41 11.40 29.49 -5.24
C SER C 41 12.90 29.33 -5.03
N HIS C 42 13.67 30.26 -5.59
CA HIS C 42 15.12 30.20 -5.47
C HIS C 42 15.65 31.07 -4.33
N CYS C 43 16.85 30.74 -3.83
CA CYS C 43 17.48 31.49 -2.75
C CYS C 43 18.90 31.89 -3.18
N ASP C 44 19.35 33.04 -2.68
CA ASP C 44 20.67 33.58 -3.00
C ASP C 44 21.59 33.84 -1.79
N THR C 45 21.08 33.62 -0.58
CA THR C 45 21.90 33.82 0.61
C THR C 45 22.00 32.51 1.37
N PRO C 46 23.08 32.32 2.14
CA PRO C 46 23.21 31.08 2.90
C PRO C 46 22.10 30.97 3.92
N ALA C 47 21.54 32.12 4.30
CA ALA C 47 20.47 32.18 5.30
C ALA C 47 19.15 31.76 4.70
N SER C 48 18.80 32.35 3.56
CA SER C 48 17.56 32.04 2.89
C SER C 48 17.58 30.63 2.32
N CYS C 49 18.77 30.15 1.98
CA CYS C 49 18.90 28.81 1.43
C CYS C 49 18.74 27.73 2.48
N ALA C 50 19.28 27.96 3.67
CA ALA C 50 19.15 26.99 4.75
C ALA C 50 17.64 26.82 5.05
N GLN C 51 16.85 27.85 4.68
CA GLN C 51 15.40 27.80 4.86
C GLN C 51 14.79 26.98 3.74
N GLN C 52 15.17 27.28 2.51
CA GLN C 52 14.64 26.56 1.38
C GLN C 52 15.00 25.09 1.41
N ALA C 53 16.23 24.78 1.77
CA ALA C 53 16.62 23.37 1.83
C ALA C 53 15.66 22.65 2.78
N GLN C 54 15.33 23.32 3.90
CA GLN C 54 14.42 22.76 4.89
C GLN C 54 13.02 22.56 4.36
N ASN C 55 12.57 23.49 3.52
CA ASN C 55 11.23 23.41 2.93
C ASN C 55 11.09 22.23 1.96
N VAL C 56 12.01 22.12 1.02
CA VAL C 56 11.96 21.02 0.06
C VAL C 56 11.85 19.71 0.84
N GLN C 57 12.76 19.50 1.79
CA GLN C 57 12.77 18.29 2.62
C GLN C 57 11.44 18.09 3.34
N SER C 58 10.86 19.19 3.82
CA SER C 58 9.59 19.13 4.55
C SER C 58 8.46 18.66 3.65
N TYR C 59 8.42 19.20 2.44
CA TYR C 59 7.41 18.85 1.45
C TYR C 59 7.58 17.40 1.04
N HIS C 60 8.81 16.91 1.12
CA HIS C 60 9.10 15.53 0.77
C HIS C 60 8.75 14.56 1.88
N VAL C 61 9.16 14.86 3.11
CA VAL C 61 8.90 13.97 4.23
C VAL C 61 7.52 14.09 4.91
N ARG C 62 6.98 15.31 4.98
CA ARG C 62 5.69 15.50 5.64
C ARG C 62 4.48 15.32 4.74
N ASN C 63 4.57 15.75 3.48
CA ASN C 63 3.43 15.58 2.58
C ASN C 63 3.45 14.23 1.89
N LEU C 64 4.56 13.90 1.25
CA LEU C 64 4.67 12.63 0.53
C LEU C 64 5.00 11.48 1.46
N GLY C 65 5.45 11.76 2.67
CA GLY C 65 5.75 10.68 3.57
C GLY C 65 6.99 9.90 3.15
N TRP C 66 7.94 10.61 2.57
CA TRP C 66 9.20 10.01 2.13
C TRP C 66 10.19 9.92 3.32
N CYS C 67 11.11 8.95 3.26
CA CYS C 67 12.09 8.75 4.33
C CYS C 67 13.02 9.94 4.57
N ASP C 68 13.19 10.78 3.55
CA ASP C 68 14.00 11.98 3.64
C ASP C 68 13.87 12.70 2.31
N VAL C 69 14.45 13.88 2.17
CA VAL C 69 14.35 14.60 0.91
C VAL C 69 14.87 13.62 -0.16
N GLY C 70 14.29 13.66 -1.35
CA GLY C 70 14.67 12.70 -2.37
C GLY C 70 15.96 12.84 -3.14
N TYR C 71 16.55 14.03 -3.11
CA TYR C 71 17.78 14.27 -3.85
C TYR C 71 19.00 13.96 -2.98
N ASN C 72 20.16 13.83 -3.61
CA ASN C 72 21.39 13.55 -2.89
C ASN C 72 22.06 14.86 -2.49
N PHE C 73 21.94 15.87 -3.35
CA PHE C 73 22.51 17.18 -3.08
C PHE C 73 21.64 18.28 -3.67
N LEU C 74 21.62 19.45 -3.04
CA LEU C 74 20.85 20.56 -3.54
C LEU C 74 21.80 21.73 -3.77
N ILE C 75 21.67 22.37 -4.92
CA ILE C 75 22.53 23.50 -5.27
C ILE C 75 21.71 24.78 -5.17
N GLY C 76 22.29 25.78 -4.52
CA GLY C 76 21.58 27.03 -4.36
C GLY C 76 22.24 28.18 -5.08
N GLU C 77 21.47 29.22 -5.35
CA GLU C 77 21.97 30.41 -6.02
C GLU C 77 22.90 31.16 -5.07
N ASP C 78 23.12 30.58 -3.89
CA ASP C 78 23.99 31.17 -2.90
C ASP C 78 25.42 30.78 -3.24
N GLY C 79 25.55 29.84 -4.17
CA GLY C 79 26.85 29.36 -4.60
C GLY C 79 27.38 28.23 -3.73
N LEU C 80 26.50 27.67 -2.90
CA LEU C 80 26.88 26.58 -2.01
C LEU C 80 26.08 25.31 -2.26
N VAL C 81 26.68 24.17 -1.91
CA VAL C 81 26.07 22.88 -2.08
C VAL C 81 25.54 22.36 -0.76
N TYR C 82 24.29 21.87 -0.78
CA TYR C 82 23.65 21.33 0.41
C TYR C 82 23.52 19.82 0.36
N GLU C 83 23.99 19.18 1.43
CA GLU C 83 23.96 17.74 1.56
C GLU C 83 22.53 17.29 1.79
N GLY C 84 22.12 16.29 1.02
CA GLY C 84 20.79 15.71 1.13
C GLY C 84 21.05 14.30 1.61
N ARG C 85 20.86 13.32 0.74
CA ARG C 85 21.11 11.94 1.13
C ARG C 85 22.59 11.61 1.01
N GLY C 86 23.35 12.48 0.36
CA GLY C 86 24.78 12.25 0.22
C GLY C 86 25.21 11.29 -0.87
N TRP C 87 26.50 10.93 -0.84
CA TRP C 87 27.10 10.04 -1.83
C TRP C 87 26.73 8.57 -1.70
N ASN C 88 26.20 8.18 -0.55
CA ASN C 88 25.96 6.78 -0.27
C ASN C 88 24.54 6.24 -0.21
N ILE C 89 23.63 6.95 0.45
CA ILE C 89 22.25 6.49 0.54
C ILE C 89 21.57 6.76 -0.79
N LYS C 90 20.80 5.79 -1.26
CA LYS C 90 20.06 5.88 -2.52
C LYS C 90 18.92 6.91 -2.46
N GLY C 91 18.90 7.82 -3.42
CA GLY C 91 17.86 8.84 -3.44
C GLY C 91 16.53 8.37 -4.01
N ALA C 92 15.60 9.30 -4.21
CA ALA C 92 14.29 9.02 -4.79
C ALA C 92 14.02 10.24 -5.64
N HIS C 93 14.42 10.16 -6.92
CA HIS C 93 14.33 11.32 -7.82
C HIS C 93 14.17 11.06 -9.32
N ALA C 94 14.17 9.80 -9.74
CA ALA C 94 14.07 9.48 -11.16
C ALA C 94 13.37 8.15 -11.53
N GLY C 95 12.82 7.45 -10.53
CA GLY C 95 12.14 6.21 -10.82
C GLY C 95 12.92 4.97 -10.44
N PRO C 96 12.29 3.79 -10.44
CA PRO C 96 12.89 2.49 -10.09
C PRO C 96 14.14 2.13 -10.88
N THR C 97 14.28 2.71 -12.07
CA THR C 97 15.41 2.38 -12.94
C THR C 97 16.71 3.11 -12.65
N TRP C 98 16.63 4.43 -12.53
CA TRP C 98 17.82 5.24 -12.31
C TRP C 98 18.20 5.48 -10.87
N ASN C 99 17.20 5.51 -9.99
CA ASN C 99 17.46 5.75 -8.58
C ASN C 99 18.55 4.85 -8.02
N PRO C 100 18.55 3.54 -8.41
CA PRO C 100 19.60 2.63 -7.90
C PRO C 100 20.98 2.85 -8.53
N ILE C 101 21.01 3.53 -9.69
CA ILE C 101 22.24 3.73 -10.41
C ILE C 101 22.72 5.16 -10.65
N SER C 102 22.24 6.12 -9.86
CA SER C 102 22.66 7.51 -10.08
C SER C 102 22.53 8.43 -8.86
N ILE C 103 23.23 9.57 -8.94
CA ILE C 103 23.18 10.62 -7.91
C ILE C 103 22.22 11.70 -8.45
N GLY C 104 21.40 12.25 -7.56
CA GLY C 104 20.45 13.25 -7.99
C GLY C 104 20.69 14.63 -7.43
N ILE C 105 21.38 15.48 -8.19
CA ILE C 105 21.63 16.84 -7.76
C ILE C 105 20.48 17.68 -8.27
N SER C 106 20.05 18.66 -7.47
CA SER C 106 18.94 19.50 -7.87
C SER C 106 19.18 20.96 -7.53
N PHE C 107 18.96 21.81 -8.52
CA PHE C 107 19.11 23.25 -8.35
C PHE C 107 17.82 23.73 -7.71
N MET C 108 17.94 24.56 -6.68
CA MET C 108 16.76 25.02 -5.97
C MET C 108 16.07 26.25 -6.55
N GLY C 109 15.27 26.02 -7.59
CA GLY C 109 14.54 27.11 -8.24
C GLY C 109 13.75 26.63 -9.45
N ASN C 110 13.18 27.58 -10.19
CA ASN C 110 12.41 27.25 -11.40
C ASN C 110 13.15 27.90 -12.56
N TYR C 111 13.89 27.09 -13.31
CA TYR C 111 14.69 27.59 -14.40
C TYR C 111 14.13 27.42 -15.82
N MET C 112 12.81 27.47 -15.90
CA MET C 112 12.10 27.39 -17.16
C MET C 112 12.49 28.65 -17.92
N ASN C 113 12.35 29.81 -17.27
CA ASN C 113 12.71 31.06 -17.93
C ASN C 113 13.77 31.90 -17.20
N ARG C 114 14.78 31.21 -16.67
CA ARG C 114 15.89 31.84 -15.96
C ARG C 114 17.15 31.01 -16.09
N VAL C 115 18.27 31.63 -15.78
CA VAL C 115 19.56 30.92 -15.80
C VAL C 115 20.15 30.99 -14.42
N PRO C 116 20.63 29.84 -13.91
CA PRO C 116 21.22 29.83 -12.59
C PRO C 116 22.56 30.58 -12.62
N PRO C 117 22.81 31.46 -11.64
CA PRO C 117 24.03 32.26 -11.49
C PRO C 117 25.29 31.40 -11.67
N PRO C 118 26.37 32.00 -12.19
CA PRO C 118 27.63 31.28 -12.40
C PRO C 118 28.09 30.52 -11.14
N ARG C 119 28.12 31.22 -10.01
CA ARG C 119 28.54 30.59 -8.77
C ARG C 119 27.79 29.28 -8.47
N ALA C 120 26.53 29.21 -8.88
CA ALA C 120 25.69 28.03 -8.67
C ALA C 120 26.12 26.95 -9.63
N LEU C 121 26.40 27.34 -10.88
CA LEU C 121 26.86 26.38 -11.86
C LEU C 121 28.22 25.86 -11.42
N ARG C 122 29.07 26.78 -10.94
CA ARG C 122 30.39 26.40 -10.47
C ARG C 122 30.31 25.37 -9.34
N ALA C 123 29.47 25.65 -8.33
CA ALA C 123 29.32 24.73 -7.22
C ALA C 123 28.84 23.35 -7.73
N ALA C 124 27.99 23.37 -8.74
CA ALA C 124 27.49 22.13 -9.29
C ALA C 124 28.63 21.38 -9.94
N GLN C 125 29.28 22.05 -10.89
CA GLN C 125 30.40 21.48 -11.66
C GLN C 125 31.48 20.98 -10.72
N ASN C 126 31.66 21.71 -9.63
CA ASN C 126 32.65 21.40 -8.60
C ASN C 126 32.26 20.14 -7.86
N LEU C 127 31.00 20.09 -7.42
CA LEU C 127 30.44 18.94 -6.69
C LEU C 127 30.79 17.64 -7.39
N LEU C 128 30.49 17.58 -8.69
CA LEU C 128 30.78 16.41 -9.50
C LEU C 128 32.26 16.08 -9.44
N ALA C 129 33.10 17.11 -9.55
CA ALA C 129 34.55 16.95 -9.48
C ALA C 129 34.93 16.26 -8.16
N CYS C 130 34.25 16.66 -7.08
CA CYS C 130 34.44 16.08 -5.75
C CYS C 130 34.07 14.60 -5.87
N GLY C 131 32.98 14.35 -6.58
CA GLY C 131 32.52 12.98 -6.76
C GLY C 131 33.60 12.03 -7.20
N VAL C 132 34.28 12.37 -8.30
CA VAL C 132 35.34 11.54 -8.84
C VAL C 132 36.48 11.36 -7.84
N ALA C 133 36.91 12.46 -7.22
CA ALA C 133 38.01 12.42 -6.28
C ALA C 133 37.77 11.49 -5.09
N LEU C 134 36.55 11.48 -4.58
CA LEU C 134 36.24 10.61 -3.46
C LEU C 134 36.03 9.21 -3.96
N GLY C 135 35.68 9.09 -5.23
CA GLY C 135 35.44 7.79 -5.82
C GLY C 135 33.98 7.41 -5.83
N ALA C 136 33.11 8.36 -5.49
CA ALA C 136 31.67 8.08 -5.47
C ALA C 136 31.12 8.01 -6.87
N LEU C 137 31.64 8.84 -7.77
CA LEU C 137 31.23 8.82 -9.18
C LEU C 137 32.38 8.24 -10.00
N ARG C 138 32.06 7.60 -11.12
CA ARG C 138 33.09 7.04 -11.97
C ARG C 138 33.84 8.21 -12.61
N SER C 139 35.13 8.06 -12.83
CA SER C 139 35.89 9.13 -13.44
C SER C 139 35.18 9.60 -14.71
N ASN C 140 34.56 8.68 -15.43
CA ASN C 140 33.83 9.02 -16.64
C ASN C 140 32.32 8.88 -16.47
N TYR C 141 31.76 9.64 -15.52
CA TYR C 141 30.33 9.61 -15.25
C TYR C 141 29.52 10.24 -16.37
N GLU C 142 28.24 9.91 -16.42
CA GLU C 142 27.36 10.46 -17.44
C GLU C 142 26.33 11.37 -16.78
N VAL C 143 26.23 12.61 -17.25
CA VAL C 143 25.27 13.57 -16.73
C VAL C 143 24.02 13.45 -17.59
N LYS C 144 22.85 13.69 -17.00
CA LYS C 144 21.61 13.57 -17.73
C LYS C 144 20.60 14.59 -17.24
N GLY C 145 19.66 14.96 -18.09
CA GLY C 145 18.63 15.90 -17.68
C GLY C 145 17.57 15.06 -16.99
N HIS C 146 16.72 15.69 -16.18
CA HIS C 146 15.67 14.96 -15.49
C HIS C 146 14.63 14.53 -16.52
N ARG C 147 14.33 15.41 -17.47
CA ARG C 147 13.35 15.12 -18.51
C ARG C 147 13.80 14.02 -19.48
N ASP C 148 15.09 13.71 -19.48
CA ASP C 148 15.63 12.67 -20.35
C ASP C 148 15.20 11.30 -19.83
N VAL C 149 14.83 11.23 -18.55
CA VAL C 149 14.44 9.96 -17.95
C VAL C 149 13.01 9.94 -17.38
N GLN C 150 12.34 11.09 -17.38
CA GLN C 150 10.99 11.18 -16.85
C GLN C 150 10.21 12.22 -17.64
N PRO C 151 8.88 12.08 -17.72
CA PRO C 151 8.08 13.06 -18.45
C PRO C 151 7.88 14.30 -17.57
N THR C 152 8.89 15.15 -17.51
CA THR C 152 8.79 16.37 -16.74
C THR C 152 9.52 17.50 -17.46
N LEU C 153 9.40 18.71 -16.92
CA LEU C 153 10.04 19.88 -17.51
C LEU C 153 11.44 20.15 -16.89
N SER C 154 11.73 19.51 -15.76
CA SER C 154 13.02 19.66 -15.09
C SER C 154 14.13 19.37 -16.09
N PRO C 155 15.32 19.99 -15.92
CA PRO C 155 15.66 20.94 -14.85
C PRO C 155 15.26 22.37 -15.19
N GLY C 156 14.36 22.53 -16.16
CA GLY C 156 13.97 23.87 -16.58
C GLY C 156 14.56 24.05 -17.96
N ASP C 157 13.86 24.80 -18.81
CA ASP C 157 14.29 25.03 -20.20
C ASP C 157 15.69 25.56 -20.42
N ARG C 158 16.00 26.70 -19.81
CA ARG C 158 17.31 27.30 -20.01
C ARG C 158 18.45 26.54 -19.32
N LEU C 159 18.16 25.90 -18.19
CA LEU C 159 19.18 25.13 -17.46
C LEU C 159 19.44 23.82 -18.19
N TYR C 160 18.40 23.27 -18.80
CA TYR C 160 18.53 22.02 -19.56
C TYR C 160 19.43 22.29 -20.77
N GLU C 161 19.34 23.51 -21.30
CA GLU C 161 20.16 23.90 -22.44
C GLU C 161 21.63 23.99 -21.99
N ILE C 162 21.84 24.42 -20.76
CA ILE C 162 23.18 24.55 -20.22
C ILE C 162 23.87 23.19 -20.04
N ILE C 163 23.17 22.20 -19.48
CA ILE C 163 23.82 20.91 -19.27
C ILE C 163 24.12 20.10 -20.52
N GLN C 164 23.36 20.32 -21.58
CA GLN C 164 23.60 19.59 -22.82
C GLN C 164 24.95 20.04 -23.39
N THR C 165 25.50 21.10 -22.80
CA THR C 165 26.77 21.67 -23.20
C THR C 165 27.92 20.99 -22.46
N TRP C 166 27.67 20.63 -21.21
CA TRP C 166 28.69 19.97 -20.38
C TRP C 166 29.33 18.78 -21.09
N SER C 167 30.56 18.44 -20.69
CA SER C 167 31.30 17.34 -21.32
C SER C 167 30.85 15.94 -20.95
N HIS C 168 30.33 15.76 -19.74
CA HIS C 168 29.87 14.44 -19.32
C HIS C 168 28.41 14.14 -19.66
N TYR C 169 27.78 15.02 -20.43
CA TYR C 169 26.38 14.82 -20.82
C TYR C 169 26.33 13.70 -21.86
N ARG C 170 25.21 12.99 -21.90
CA ARG C 170 25.04 11.90 -22.84
C ARG C 170 23.58 11.81 -23.25
N ALA C 171 23.33 11.95 -24.56
CA ALA C 171 21.99 11.89 -25.13
C ALA C 171 21.01 10.98 -24.36
N GLU D 1 -32.40 1.91 -17.35
CA GLU D 1 -31.74 0.70 -16.80
C GLU D 1 -30.34 0.97 -16.25
N ASP D 2 -29.45 -0.01 -16.43
CA ASP D 2 -28.11 0.03 -15.84
C ASP D 2 -26.86 -0.49 -16.59
N PRO D 3 -26.98 -0.84 -17.88
CA PRO D 3 -25.80 -1.34 -18.63
C PRO D 3 -24.59 -0.39 -18.52
N PRO D 4 -23.43 -0.79 -19.09
CA PRO D 4 -22.22 0.06 -19.04
C PRO D 4 -22.56 1.53 -19.20
N ALA D 5 -23.26 1.84 -20.28
CA ALA D 5 -23.66 3.21 -20.54
C ALA D 5 -22.50 4.16 -20.32
N CYS D 6 -21.30 3.76 -20.74
CA CYS D 6 -20.10 4.58 -20.56
C CYS D 6 -19.97 5.75 -21.50
N GLY D 7 -18.94 6.56 -21.26
CA GLY D 7 -18.73 7.74 -22.07
C GLY D 7 -18.19 7.40 -23.44
N SER D 8 -17.60 8.40 -24.11
CA SER D 8 -17.03 8.19 -25.43
C SER D 8 -15.53 8.45 -25.43
N ILE D 9 -14.78 7.36 -25.47
CA ILE D 9 -13.33 7.41 -25.47
C ILE D 9 -12.84 7.22 -26.91
N VAL D 10 -11.97 8.11 -27.36
CA VAL D 10 -11.41 8.02 -28.70
C VAL D 10 -10.40 6.87 -28.60
N PRO D 11 -10.60 5.81 -29.39
CA PRO D 11 -9.69 4.66 -29.36
C PRO D 11 -8.34 5.02 -29.97
N ARG D 12 -7.34 4.17 -29.70
CA ARG D 12 -5.97 4.36 -30.19
C ARG D 12 -5.85 4.50 -31.73
N ARG D 13 -6.45 3.56 -32.46
CA ARG D 13 -6.44 3.59 -33.91
C ARG D 13 -6.82 4.98 -34.43
N GLU D 14 -7.91 5.52 -33.90
CA GLU D 14 -8.40 6.82 -34.34
C GLU D 14 -7.39 7.96 -34.24
N TRP D 15 -6.49 7.90 -33.26
CA TRP D 15 -5.45 8.92 -33.16
C TRP D 15 -4.09 8.34 -33.54
N ARG D 16 -4.14 7.18 -34.20
CA ARG D 16 -2.97 6.46 -34.72
C ARG D 16 -1.76 6.25 -33.81
N ALA D 17 -2.02 5.74 -32.61
CA ALA D 17 -0.99 5.48 -31.62
C ALA D 17 -0.07 4.37 -32.12
N LEU D 18 1.17 4.37 -31.65
CA LEU D 18 2.11 3.32 -32.00
C LEU D 18 1.63 2.12 -31.19
N ALA D 19 2.03 0.91 -31.58
CA ALA D 19 1.60 -0.31 -30.86
C ALA D 19 2.09 -0.35 -29.41
N SER D 20 1.19 -0.73 -28.51
CA SER D 20 1.54 -0.83 -27.09
C SER D 20 2.43 -2.06 -26.86
N GLU D 21 3.53 -1.87 -26.14
CA GLU D 21 4.47 -2.96 -25.86
C GLU D 21 4.26 -3.48 -24.45
N CYS D 22 3.40 -2.80 -23.70
CA CYS D 22 3.15 -3.14 -22.30
C CYS D 22 2.44 -4.46 -22.05
N ARG D 23 2.82 -5.10 -20.94
CA ARG D 23 2.26 -6.39 -20.56
C ARG D 23 1.79 -6.44 -19.11
N GLU D 24 2.22 -5.47 -18.30
CA GLU D 24 1.81 -5.45 -16.88
C GLU D 24 0.32 -5.17 -16.70
N ARG D 25 -0.28 -5.83 -15.72
CA ARG D 25 -1.71 -5.74 -15.50
C ARG D 25 -2.16 -5.13 -14.18
N LEU D 26 -3.18 -4.28 -14.24
CA LEU D 26 -3.74 -3.68 -13.03
C LEU D 26 -4.80 -4.67 -12.59
N THR D 27 -5.06 -4.73 -11.29
CA THR D 27 -6.06 -5.64 -10.74
C THR D 27 -7.31 -4.86 -10.32
N ARG D 28 -8.34 -4.89 -11.16
CA ARG D 28 -9.58 -4.17 -10.90
C ARG D 28 -10.36 -4.84 -9.76
N PRO D 29 -11.16 -4.05 -9.02
CA PRO D 29 -11.35 -2.60 -9.15
C PRO D 29 -10.25 -1.75 -8.54
N VAL D 30 -9.88 -0.68 -9.24
CA VAL D 30 -8.83 0.25 -8.82
C VAL D 30 -9.38 1.23 -7.77
N ARG D 31 -8.55 1.61 -6.81
CA ARG D 31 -8.97 2.52 -5.75
C ARG D 31 -8.58 3.97 -5.96
N TYR D 32 -7.43 4.20 -6.59
CA TYR D 32 -6.94 5.55 -6.79
C TYR D 32 -6.91 6.10 -8.22
N VAL D 33 -6.94 7.42 -8.33
CA VAL D 33 -6.86 8.12 -9.60
C VAL D 33 -5.96 9.32 -9.34
N VAL D 34 -4.90 9.45 -10.13
CA VAL D 34 -3.94 10.54 -9.98
C VAL D 34 -4.08 11.51 -11.17
N VAL D 35 -4.58 12.71 -10.91
CA VAL D 35 -4.76 13.69 -11.97
C VAL D 35 -3.43 14.39 -12.24
N SER D 36 -3.00 14.39 -13.52
CA SER D 36 -1.74 14.99 -13.94
C SER D 36 -1.98 16.05 -15.02
N HIS D 37 -0.89 16.51 -15.62
CA HIS D 37 -0.97 17.42 -16.75
C HIS D 37 0.34 17.27 -17.53
N THR D 38 0.21 17.16 -18.85
CA THR D 38 1.35 16.98 -19.74
C THR D 38 2.35 18.12 -19.70
N ALA D 39 1.93 19.26 -19.15
CA ALA D 39 2.76 20.45 -19.02
C ALA D 39 3.24 21.03 -20.36
N GLY D 40 2.60 20.60 -21.44
CA GLY D 40 2.95 21.09 -22.76
C GLY D 40 1.87 22.02 -23.29
N SER D 41 1.62 21.93 -24.61
CA SER D 41 0.62 22.77 -25.26
C SER D 41 -0.76 22.11 -25.29
N HIS D 42 -1.81 22.91 -25.21
CA HIS D 42 -3.18 22.41 -25.21
C HIS D 42 -3.75 22.29 -26.63
N CYS D 43 -5.00 21.86 -26.75
CA CYS D 43 -5.68 21.68 -28.04
C CYS D 43 -7.19 21.77 -27.92
N ASP D 44 -7.87 22.22 -28.98
CA ASP D 44 -9.32 22.37 -28.95
C ASP D 44 -10.10 21.86 -30.18
N THR D 45 -9.50 20.93 -30.92
CA THR D 45 -10.15 20.30 -32.08
C THR D 45 -9.79 18.82 -32.02
N PRO D 46 -10.68 17.93 -32.46
CA PRO D 46 -10.37 16.50 -32.43
C PRO D 46 -9.17 16.23 -33.30
N ALA D 47 -8.88 17.20 -34.17
CA ALA D 47 -7.77 17.10 -35.10
C ALA D 47 -6.42 17.43 -34.49
N SER D 48 -6.36 18.51 -33.71
CA SER D 48 -5.11 18.92 -33.06
C SER D 48 -4.83 18.09 -31.81
N CYS D 49 -5.88 17.64 -31.13
CA CYS D 49 -5.72 16.84 -29.92
C CYS D 49 -5.22 15.45 -30.24
N ALA D 50 -5.57 14.95 -31.42
CA ALA D 50 -5.12 13.63 -31.85
C ALA D 50 -3.62 13.79 -32.11
N GLN D 51 -3.23 14.96 -32.60
CA GLN D 51 -1.83 15.27 -32.90
C GLN D 51 -1.07 15.27 -31.58
N GLN D 52 -1.57 16.05 -30.62
CA GLN D 52 -0.96 16.17 -29.30
C GLN D 52 -0.73 14.78 -28.70
N ALA D 53 -1.76 13.95 -28.76
CA ALA D 53 -1.68 12.62 -28.21
C ALA D 53 -0.45 11.87 -28.71
N GLN D 54 -0.09 12.13 -29.96
CA GLN D 54 1.06 11.46 -30.57
C GLN D 54 2.39 12.00 -30.06
N ASN D 55 2.50 13.31 -29.89
CA ASN D 55 3.73 13.90 -29.38
C ASN D 55 4.01 13.27 -28.02
N VAL D 56 3.07 13.48 -27.10
CA VAL D 56 3.16 12.94 -25.76
C VAL D 56 3.56 11.47 -25.82
N GLN D 57 2.88 10.70 -26.67
CA GLN D 57 3.20 9.27 -26.77
C GLN D 57 4.62 9.00 -27.26
N SER D 58 4.99 9.59 -28.40
CA SER D 58 6.32 9.36 -28.96
C SER D 58 7.44 9.73 -28.00
N TYR D 59 7.27 10.86 -27.33
CA TYR D 59 8.27 11.32 -26.36
C TYR D 59 8.41 10.28 -25.26
N HIS D 60 7.28 9.67 -24.86
CA HIS D 60 7.28 8.67 -23.81
C HIS D 60 7.81 7.31 -24.28
N VAL D 61 7.67 7.03 -25.57
CA VAL D 61 8.07 5.72 -26.11
C VAL D 61 9.47 5.61 -26.74
N ARG D 62 9.89 6.62 -27.50
CA ARG D 62 11.20 6.58 -28.11
C ARG D 62 12.28 7.40 -27.37
N ASN D 63 11.89 8.46 -26.65
CA ASN D 63 12.88 9.22 -25.90
C ASN D 63 13.17 8.53 -24.56
N LEU D 64 12.13 8.17 -23.83
CA LEU D 64 12.31 7.53 -22.54
C LEU D 64 12.38 6.01 -22.68
N GLY D 65 11.98 5.51 -23.83
CA GLY D 65 12.04 4.08 -24.07
C GLY D 65 11.03 3.29 -23.26
N TRP D 66 9.80 3.79 -23.21
CA TRP D 66 8.73 3.11 -22.49
C TRP D 66 7.84 2.32 -23.44
N CYS D 67 7.11 1.35 -22.89
CA CYS D 67 6.25 0.45 -23.67
C CYS D 67 4.98 1.04 -24.30
N ASP D 68 4.63 2.27 -23.91
CA ASP D 68 3.46 2.97 -24.44
C ASP D 68 3.39 4.30 -23.69
N VAL D 69 2.51 5.20 -24.13
CA VAL D 69 2.37 6.47 -23.45
C VAL D 69 2.15 6.16 -21.96
N GLY D 70 2.74 6.97 -21.10
CA GLY D 70 2.66 6.75 -19.67
C GLY D 70 1.29 6.76 -19.01
N TYR D 71 0.40 7.61 -19.50
CA TYR D 71 -0.93 7.72 -18.93
C TYR D 71 -1.93 6.66 -19.42
N ASN D 72 -2.94 6.40 -18.59
CA ASN D 72 -3.96 5.44 -18.92
C ASN D 72 -4.95 6.15 -19.84
N PHE D 73 -5.18 7.42 -19.57
CA PHE D 73 -6.09 8.24 -20.35
C PHE D 73 -5.58 9.67 -20.47
N LEU D 74 -5.89 10.32 -21.58
CA LEU D 74 -5.48 11.69 -21.81
C LEU D 74 -6.73 12.51 -22.13
N ILE D 75 -6.99 13.54 -21.31
CA ILE D 75 -8.13 14.43 -21.50
C ILE D 75 -7.72 15.56 -22.46
N GLY D 76 -8.62 15.95 -23.35
CA GLY D 76 -8.34 17.03 -24.29
C GLY D 76 -9.32 18.15 -24.06
N GLU D 77 -8.94 19.38 -24.39
CA GLU D 77 -9.84 20.51 -24.18
C GLU D 77 -10.88 20.60 -25.30
N ASP D 78 -10.79 19.67 -26.24
CA ASP D 78 -11.75 19.59 -27.34
C ASP D 78 -13.01 18.94 -26.76
N GLY D 79 -12.89 18.42 -25.54
CA GLY D 79 -13.99 17.79 -24.85
C GLY D 79 -14.01 16.28 -25.04
N LEU D 80 -12.91 15.74 -25.55
CA LEU D 80 -12.79 14.31 -25.79
C LEU D 80 -11.68 13.61 -24.99
N VAL D 81 -11.99 12.41 -24.51
CA VAL D 81 -11.04 11.61 -23.73
C VAL D 81 -10.29 10.70 -24.69
N TYR D 82 -8.96 10.81 -24.68
CA TYR D 82 -8.13 10.00 -25.57
C TYR D 82 -7.49 8.86 -24.84
N GLU D 83 -7.77 7.65 -25.31
CA GLU D 83 -7.27 6.43 -24.70
C GLU D 83 -5.74 6.29 -24.65
N GLY D 84 -5.22 6.07 -23.43
CA GLY D 84 -3.80 5.86 -23.22
C GLY D 84 -3.67 4.35 -23.13
N ARG D 85 -3.15 3.82 -22.02
CA ARG D 85 -3.04 2.37 -21.91
C ARG D 85 -4.30 1.73 -21.33
N GLY D 86 -5.35 2.54 -21.15
CA GLY D 86 -6.62 2.01 -20.71
C GLY D 86 -6.89 1.65 -19.26
N TRP D 87 -7.96 0.89 -19.05
CA TRP D 87 -8.41 0.48 -17.73
C TRP D 87 -7.71 -0.73 -17.12
N ASN D 88 -6.95 -1.47 -17.93
CA ASN D 88 -6.35 -2.71 -17.46
C ASN D 88 -4.85 -2.81 -17.37
N ILE D 89 -4.15 -1.94 -18.08
CA ILE D 89 -2.69 -1.93 -18.12
C ILE D 89 -2.06 -0.92 -17.15
N LYS D 90 -1.14 -1.41 -16.33
CA LYS D 90 -0.44 -0.58 -15.36
C LYS D 90 0.33 0.52 -16.10
N GLY D 91 0.10 1.77 -15.71
CA GLY D 91 0.78 2.88 -16.35
C GLY D 91 1.87 3.51 -15.49
N ALA D 92 2.74 4.29 -16.13
CA ALA D 92 3.83 4.96 -15.42
C ALA D 92 3.48 6.43 -15.34
N HIS D 93 3.08 6.88 -14.16
CA HIS D 93 2.69 8.28 -13.98
C HIS D 93 2.99 8.86 -12.61
N ALA D 94 3.09 8.01 -11.58
CA ALA D 94 3.36 8.48 -10.21
C ALA D 94 4.22 7.57 -9.33
N GLY D 95 5.37 7.14 -9.83
CA GLY D 95 6.24 6.31 -9.03
C GLY D 95 5.78 4.90 -8.67
N PRO D 96 6.73 3.98 -8.43
CA PRO D 96 6.49 2.57 -8.08
C PRO D 96 5.53 2.28 -6.93
N THR D 97 5.18 3.30 -6.16
CA THR D 97 4.29 3.14 -5.01
C THR D 97 2.82 3.21 -5.41
N TRP D 98 2.50 4.13 -6.32
CA TRP D 98 1.12 4.33 -6.75
C TRP D 98 0.72 3.71 -8.09
N ASN D 99 1.67 3.69 -9.04
CA ASN D 99 1.40 3.14 -10.36
C ASN D 99 0.58 1.83 -10.41
N PRO D 100 0.93 0.84 -9.57
CA PRO D 100 0.20 -0.43 -9.56
C PRO D 100 -1.18 -0.39 -8.90
N ILE D 101 -1.43 0.61 -8.07
CA ILE D 101 -2.74 0.71 -7.43
C ILE D 101 -3.58 1.92 -7.85
N SER D 102 -3.19 2.56 -8.96
CA SER D 102 -3.89 3.74 -9.44
C SER D 102 -3.97 3.89 -10.97
N ILE D 103 -4.96 4.63 -11.43
CA ILE D 103 -5.15 4.88 -12.87
C ILE D 103 -4.67 6.31 -13.16
N GLY D 104 -3.98 6.49 -14.29
CA GLY D 104 -3.44 7.81 -14.61
C GLY D 104 -4.10 8.60 -15.72
N ILE D 105 -4.76 9.69 -15.35
CA ILE D 105 -5.41 10.53 -16.34
C ILE D 105 -4.73 11.90 -16.38
N SER D 106 -4.39 12.32 -17.60
CA SER D 106 -3.67 13.55 -17.84
C SER D 106 -4.41 14.58 -18.70
N PHE D 107 -4.49 15.82 -18.22
CA PHE D 107 -5.12 16.88 -19.00
C PHE D 107 -4.05 17.43 -19.91
N MET D 108 -4.28 17.34 -21.22
CA MET D 108 -3.33 17.80 -22.22
C MET D 108 -3.13 19.31 -22.25
N GLY D 109 -1.99 19.73 -21.71
CA GLY D 109 -1.66 21.15 -21.67
C GLY D 109 -0.95 21.46 -20.36
N ASN D 110 -0.81 22.75 -20.07
CA ASN D 110 -0.14 23.21 -18.86
C ASN D 110 -1.14 24.14 -18.16
N TYR D 111 -1.49 23.83 -16.92
CA TYR D 111 -2.49 24.62 -16.22
C TYR D 111 -2.05 25.35 -14.96
N MET D 112 -0.94 26.06 -15.03
CA MET D 112 -0.44 26.83 -13.90
C MET D 112 -1.27 28.11 -13.70
N ASN D 113 -1.64 28.71 -14.82
CA ASN D 113 -2.40 29.95 -14.83
C ASN D 113 -3.48 29.89 -15.90
N ARG D 114 -4.03 28.70 -16.10
CA ARG D 114 -5.06 28.45 -17.11
C ARG D 114 -6.00 27.35 -16.61
N VAL D 115 -7.31 27.62 -16.61
CA VAL D 115 -8.27 26.60 -16.19
C VAL D 115 -8.81 25.87 -17.42
N PRO D 116 -8.99 24.55 -17.33
CA PRO D 116 -9.52 23.78 -18.45
C PRO D 116 -10.99 24.18 -18.66
N PRO D 117 -11.48 24.10 -19.91
CA PRO D 117 -12.88 24.44 -20.25
C PRO D 117 -13.85 23.46 -19.60
N PRO D 118 -15.11 23.88 -19.38
CA PRO D 118 -16.11 22.99 -18.78
C PRO D 118 -16.07 21.62 -19.45
N ARG D 119 -16.04 21.62 -20.78
CA ARG D 119 -15.98 20.39 -21.57
C ARG D 119 -15.00 19.41 -20.96
N ALA D 120 -13.72 19.80 -20.91
CA ALA D 120 -12.67 18.96 -20.36
C ALA D 120 -13.05 18.39 -19.01
N LEU D 121 -13.47 19.26 -18.10
CA LEU D 121 -13.85 18.81 -16.77
C LEU D 121 -14.98 17.77 -16.80
N ARG D 122 -15.92 17.92 -17.72
CA ARG D 122 -17.04 16.97 -17.83
C ARG D 122 -16.57 15.64 -18.41
N ALA D 123 -15.69 15.72 -19.40
CA ALA D 123 -15.16 14.51 -20.04
C ALA D 123 -14.36 13.74 -19.03
N ALA D 124 -13.64 14.46 -18.18
CA ALA D 124 -12.81 13.84 -17.15
C ALA D 124 -13.67 13.09 -16.15
N GLN D 125 -14.75 13.70 -15.68
CA GLN D 125 -15.63 13.06 -14.70
C GLN D 125 -16.48 11.97 -15.31
N ASN D 126 -16.82 12.14 -16.58
CA ASN D 126 -17.61 11.15 -17.33
C ASN D 126 -16.82 9.85 -17.34
N LEU D 127 -15.51 9.99 -17.56
CA LEU D 127 -14.58 8.86 -17.59
C LEU D 127 -14.53 8.16 -16.23
N LEU D 128 -14.67 8.94 -15.17
CA LEU D 128 -14.66 8.37 -13.83
C LEU D 128 -16.00 7.70 -13.57
N ALA D 129 -17.09 8.35 -13.95
CA ALA D 129 -18.41 7.77 -13.76
C ALA D 129 -18.40 6.44 -14.49
N CYS D 130 -17.82 6.45 -15.69
CA CYS D 130 -17.73 5.28 -16.51
C CYS D 130 -16.91 4.21 -15.79
N GLY D 131 -15.75 4.60 -15.28
CA GLY D 131 -14.88 3.66 -14.59
C GLY D 131 -15.56 2.78 -13.56
N VAL D 132 -16.39 3.39 -12.73
CA VAL D 132 -17.10 2.65 -11.69
C VAL D 132 -18.16 1.75 -12.33
N ALA D 133 -18.83 2.26 -13.36
CA ALA D 133 -19.87 1.50 -14.04
C ALA D 133 -19.36 0.21 -14.66
N LEU D 134 -18.06 0.18 -14.98
CA LEU D 134 -17.46 -0.99 -15.61
C LEU D 134 -16.73 -1.89 -14.62
N GLY D 135 -16.76 -1.51 -13.35
CA GLY D 135 -16.07 -2.30 -12.33
C GLY D 135 -14.57 -2.11 -12.39
N ALA D 136 -14.14 -1.12 -13.17
CA ALA D 136 -12.72 -0.78 -13.35
C ALA D 136 -12.25 -0.02 -12.11
N LEU D 137 -12.99 1.02 -11.74
CA LEU D 137 -12.65 1.78 -10.56
C LEU D 137 -13.58 1.31 -9.45
N ARG D 138 -13.06 1.28 -8.24
CA ARG D 138 -13.82 0.90 -7.05
C ARG D 138 -14.80 2.03 -6.78
N SER D 139 -16.03 1.70 -6.39
CA SER D 139 -17.02 2.74 -6.16
C SER D 139 -16.61 3.86 -5.21
N ASN D 140 -15.97 3.52 -4.09
CA ASN D 140 -15.53 4.55 -3.16
C ASN D 140 -14.10 5.02 -3.46
N TYR D 141 -13.75 5.07 -4.75
CA TYR D 141 -12.42 5.47 -5.20
C TYR D 141 -11.98 6.87 -4.73
N GLU D 142 -10.68 7.11 -4.75
CA GLU D 142 -10.12 8.37 -4.33
C GLU D 142 -9.33 9.05 -5.42
N VAL D 143 -9.35 10.38 -5.44
CA VAL D 143 -8.63 11.16 -6.44
C VAL D 143 -7.55 11.98 -5.78
N LYS D 144 -6.34 11.86 -6.29
CA LYS D 144 -5.23 12.64 -5.75
C LYS D 144 -4.60 13.44 -6.87
N GLY D 145 -3.95 14.53 -6.49
CA GLY D 145 -3.27 15.36 -7.47
C GLY D 145 -1.90 14.75 -7.68
N HIS D 146 -1.27 15.03 -8.81
CA HIS D 146 0.05 14.48 -9.09
C HIS D 146 1.06 14.91 -8.02
N ARG D 147 0.97 16.18 -7.62
CA ARG D 147 1.86 16.75 -6.61
C ARG D 147 1.63 16.13 -5.23
N ASP D 148 0.48 15.51 -5.04
CA ASP D 148 0.14 14.89 -3.77
C ASP D 148 0.87 13.59 -3.56
N VAL D 149 1.50 13.06 -4.61
CA VAL D 149 2.20 11.78 -4.50
C VAL D 149 3.60 11.78 -5.06
N GLN D 150 4.03 12.91 -5.61
CA GLN D 150 5.39 13.05 -6.16
C GLN D 150 5.81 14.50 -6.23
N PRO D 151 7.12 14.78 -6.12
CA PRO D 151 7.63 16.16 -6.17
C PRO D 151 7.39 16.70 -7.57
N THR D 152 6.39 17.57 -7.69
CA THR D 152 6.03 18.17 -8.97
C THR D 152 5.02 19.29 -8.81
N LEU D 153 4.93 20.15 -9.82
CA LEU D 153 3.99 21.25 -9.80
C LEU D 153 2.71 20.77 -10.42
N SER D 154 2.80 19.65 -11.12
CA SER D 154 1.66 19.01 -11.79
C SER D 154 0.57 18.72 -10.78
N PRO D 155 -0.72 18.84 -11.17
CA PRO D 155 -1.29 19.20 -12.47
C PRO D 155 -1.30 20.67 -12.85
N GLY D 156 -0.89 21.54 -11.94
CA GLY D 156 -0.93 22.97 -12.21
C GLY D 156 -1.82 23.54 -11.12
N ASP D 157 -1.42 24.68 -10.54
CA ASP D 157 -2.16 25.28 -9.43
C ASP D 157 -3.67 25.40 -9.61
N ARG D 158 -4.10 25.73 -10.82
CA ARG D 158 -5.51 25.88 -11.10
C ARG D 158 -6.28 24.56 -11.21
N LEU D 159 -5.76 23.61 -11.97
CA LEU D 159 -6.44 22.32 -12.11
C LEU D 159 -6.45 21.62 -10.75
N TYR D 160 -5.39 21.84 -9.97
CA TYR D 160 -5.27 21.25 -8.64
C TYR D 160 -6.36 21.82 -7.74
N GLU D 161 -6.67 23.10 -7.89
CA GLU D 161 -7.71 23.73 -7.09
C GLU D 161 -9.07 23.14 -7.47
N ILE D 162 -9.22 22.77 -8.74
CA ILE D 162 -10.46 22.22 -9.26
C ILE D 162 -10.70 20.81 -8.74
N ILE D 163 -9.68 19.95 -8.77
CA ILE D 163 -9.86 18.58 -8.32
C ILE D 163 -10.01 18.44 -6.80
N GLN D 164 -9.53 19.43 -6.06
CA GLN D 164 -9.66 19.41 -4.61
C GLN D 164 -11.10 19.66 -4.24
N THR D 165 -11.88 20.11 -5.22
CA THR D 165 -13.30 20.40 -5.03
C THR D 165 -14.14 19.11 -5.13
N TRP D 166 -13.67 18.20 -5.99
CA TRP D 166 -14.35 16.93 -6.25
C TRP D 166 -14.56 16.03 -5.06
N SER D 167 -15.68 15.31 -5.06
CA SER D 167 -15.93 14.30 -4.05
C SER D 167 -15.04 13.22 -4.64
N HIS D 168 -14.45 12.40 -3.78
CA HIS D 168 -13.52 11.35 -4.19
C HIS D 168 -12.12 11.94 -4.02
N TYR D 169 -12.00 13.27 -3.94
CA TYR D 169 -10.68 13.84 -3.69
C TYR D 169 -10.45 13.67 -2.18
N ARG D 170 -9.30 13.10 -1.82
CA ARG D 170 -8.97 12.85 -0.43
C ARG D 170 -7.47 13.00 -0.15
N ALA D 171 -7.17 13.63 0.99
CA ALA D 171 -5.79 13.86 1.45
C ALA D 171 -4.74 14.20 0.39
C1 NAG E . 10.76 -26.41 20.70
C2 NAG E . 11.52 -27.50 19.96
C3 NAG E . 12.89 -26.96 19.53
C4 NAG E . 12.69 -25.71 18.68
C5 NAG E . 11.85 -24.68 19.45
C6 NAG E . 11.48 -23.45 18.64
C7 NAG E . 10.88 -29.73 20.65
C8 NAG E . 10.95 -30.80 21.73
N2 NAG E . 11.67 -28.66 20.81
O1 NAG E . 9.50 -26.85 21.03
O3 NAG E . 13.61 -27.94 18.81
O4 NAG E . 13.98 -25.16 18.30
O5 NAG E . 10.60 -25.27 19.84
O6 NAG E . 11.45 -22.30 19.48
O7 NAG E . 10.11 -29.87 19.70
C1 NAG E . 14.53 -24.11 19.02
C2 NAG E . 16.06 -24.12 18.80
C3 NAG E . 16.74 -22.75 18.92
C4 NAG E . 15.89 -21.64 18.31
C5 NAG E . 14.55 -21.70 19.00
C6 NAG E . 13.64 -20.52 18.70
C7 NAG E . 17.69 -25.77 19.50
C8 NAG E . 18.91 -25.56 20.38
N2 NAG E . 16.62 -25.03 19.78
O3 NAG E . 17.99 -22.79 18.25
O4 NAG E . 16.50 -20.37 18.50
O5 NAG E . 13.90 -22.89 18.56
O6 NAG E . 13.08 -20.61 17.40
O7 NAG E . 17.72 -26.59 18.57
C1 NAG F . -38.27 -24.83 18.83
C2 NAG F . -38.26 -26.10 19.69
C3 NAG F . -36.86 -26.70 19.67
C4 NAG F . -36.45 -26.98 18.22
C5 NAG F . -36.56 -25.68 17.40
C6 NAG F . -36.29 -25.86 15.92
C7 NAG F . -39.92 -26.05 21.46
C8 NAG F . -40.33 -25.48 22.81
N2 NAG F . -38.68 -25.78 21.05
O1 NAG F . -39.55 -24.30 18.79
O3 NAG F . -36.83 -27.91 20.42
O4 NAG F . -35.11 -27.52 18.18
O5 NAG F . -37.90 -25.15 17.49
O6 NAG F . -35.64 -24.71 15.38
O7 NAG F . -40.72 -26.72 20.80
C1 NAG F . -34.03 -26.68 17.92
C2 NAG F . -32.76 -27.35 18.50
C3 NAG F . -31.44 -26.98 17.78
C4 NAG F . -31.64 -26.88 16.28
C5 NAG F . -32.75 -25.88 16.05
C6 NAG F . -32.93 -25.47 14.60
C7 NAG F . -32.17 -27.79 20.81
C8 NAG F . -30.96 -27.31 21.58
N2 NAG F . -32.67 -26.96 19.89
O3 NAG F . -30.48 -27.97 18.06
O4 NAG F . -30.45 -26.46 15.63
O5 NAG F . -33.96 -26.48 16.50
O6 NAG F . -33.57 -26.48 13.84
O7 NAG F . -32.66 -28.91 21.04
O1 TLA G . 20.84 -7.03 21.18
O11 TLA G . 18.69 -6.95 21.52
C1 TLA G . 19.79 -6.47 21.37
C2 TLA G . 19.86 -4.95 21.53
O2 TLA G . 18.59 -4.54 21.95
C3 TLA G . 20.09 -4.30 20.18
O3 TLA G . 18.89 -4.61 19.48
C4 TLA G . 20.19 -2.81 20.39
O4 TLA G . 21.23 -2.43 20.94
O41 TLA G . 19.26 -2.07 19.99
O1 TLA H . 5.75 -7.30 34.05
O11 TLA H . 5.34 -5.76 32.55
C1 TLA H . 4.96 -6.68 33.30
C2 TLA H . 3.50 -7.08 33.33
O2 TLA H . 3.42 -8.51 33.27
C3 TLA H . 2.70 -6.49 32.17
O3 TLA H . 3.41 -6.69 30.94
C4 TLA H . 1.35 -7.14 32.08
O4 TLA H . 1.12 -7.93 31.12
O41 TLA H . 0.49 -6.87 32.96
O1 TLA I . 28.03 39.64 -6.54
O11 TLA I . 27.93 39.05 -8.66
C1 TLA I . 27.49 39.20 -7.53
C2 TLA I . 26.01 38.80 -7.34
O2 TLA I . 25.53 38.30 -8.54
C3 TLA I . 25.17 39.99 -6.84
O3 TLA I . 25.15 41.03 -7.85
C4 TLA I . 23.76 39.52 -6.56
O4 TLA I . 23.71 38.61 -5.72
O41 TLA I . 22.75 40.02 -7.17
O1 TLA J . 9.20 21.37 -13.35
O11 TLA J . 8.73 19.74 -11.96
C1 TLA J . 8.46 20.57 -12.79
C2 TLA J . 6.97 20.68 -13.13
O2 TLA J . 6.30 19.85 -12.25
C3 TLA J . 6.73 20.14 -14.51
O3 TLA J . 7.04 18.75 -14.36
C4 TLA J . 5.26 20.30 -14.83
O4 TLA J . 4.91 21.47 -15.04
O41 TLA J . 4.51 19.29 -14.87
O1 TLA K . 3.51 11.98 -36.90
O11 TLA K . 3.30 10.94 -38.81
C1 TLA K . 2.90 11.62 -37.89
C2 TLA K . 1.44 12.11 -38.02
O2 TLA K . 0.90 11.72 -39.24
C3 TLA K . 1.35 13.62 -37.78
O3 TLA K . 2.17 14.30 -38.70
C4 TLA K . -0.11 14.08 -37.91
O4 TLA K . -0.91 13.54 -37.14
O41 TLA K . -0.40 14.95 -38.77
#